data_3WXZ
#
_entry.id   3WXZ
#
_cell.length_a   69.900
_cell.length_b   104.750
_cell.length_c   73.160
_cell.angle_alpha   90.00
_cell.angle_beta   114.33
_cell.angle_gamma   90.00
#
_symmetry.space_group_name_H-M   'P 1 21 1'
#
loop_
_entity.id
_entity.type
_entity.pdbx_description
1 polymer 'Putative uncharacterized protein csyB'
2 water water
#
_entity_poly.entity_id   1
_entity_poly.type   'polypeptide(L)'
_entity_poly.pdbx_seq_one_letter_code
;MGSSHHHHHHSSGLVPRGSHMIEPLPTEDIPKQSVSIVGIASRCAPHKLGADELEAIARRHYSSTPSLEKMLEINRKTRI
DHRYSVFSSDHEHWHRPTIPSFSECDSLFKEYGIPLASAASARAIQDWGGVPDEITHLVAVTCTNTAHPGFDSVLCRKLG
LKCNVRRVLLHGIGCGGGISAMRVAHELLLGSTQQGVPARALIVACEVPTVFARSELDIMDKTQDVNVAMCLFGDCAAAL
VLSNGIGHKASEQRPIWNILNCEPTQFDGTEDIAHFNVHDKGYHAIIDKRIPQLTGKCVPAGFQSLISSTPSLALEEKNY
VPSNYGWAVHPGGYAVLVAAQDALGLTADDLRASYDAYRDGGNTISTTIIRILEKLRDEHKHGSNQKDKLVLAAFGHGIT
LETAILTRPGSSSYLHA
;
_entity_poly.pdbx_strand_id   A,B
#
# COMPACT_ATOMS: atom_id res chain seq x y z
N GLN A 33 1.57 29.18 0.04
CA GLN A 33 2.36 28.24 0.83
C GLN A 33 2.39 26.83 0.18
N SER A 34 3.34 26.63 -0.72
CA SER A 34 3.34 25.45 -1.58
C SER A 34 4.09 24.23 -1.05
N VAL A 35 3.67 23.06 -1.51
CA VAL A 35 4.45 21.85 -1.37
C VAL A 35 5.39 21.79 -2.57
N SER A 36 6.67 21.53 -2.31
CA SER A 36 7.66 21.55 -3.38
C SER A 36 8.52 20.29 -3.43
N ILE A 37 9.08 20.02 -4.59
CA ILE A 37 10.06 18.95 -4.77
C ILE A 37 11.41 19.58 -4.60
N VAL A 38 12.19 19.10 -3.65
CA VAL A 38 13.47 19.72 -3.32
C VAL A 38 14.63 18.74 -3.45
N GLY A 39 14.34 17.51 -3.89
CA GLY A 39 15.37 16.50 -4.06
C GLY A 39 14.94 15.45 -5.07
N ILE A 40 15.83 15.13 -6.01
CA ILE A 40 15.51 14.16 -7.07
C ILE A 40 16.71 13.27 -7.35
N ALA A 41 16.49 11.96 -7.43
CA ALA A 41 17.55 11.04 -7.79
C ALA A 41 16.96 9.72 -8.30
N SER A 42 17.71 9.01 -9.13
CA SER A 42 17.25 7.71 -9.58
C SER A 42 18.46 6.85 -9.76
N ARG A 43 18.25 5.54 -9.83
CA ARG A 43 19.35 4.60 -10.01
C ARG A 43 18.90 3.33 -10.69
N CYS A 44 19.17 3.21 -11.97
CA CYS A 44 18.87 1.99 -12.72
C CYS A 44 19.78 0.90 -12.21
N ALA A 45 19.38 -0.35 -12.39
CA ALA A 45 20.23 -1.47 -12.11
C ALA A 45 21.49 -1.41 -13.01
N PRO A 46 22.55 -2.19 -12.68
CA PRO A 46 23.80 -1.96 -13.41
C PRO A 46 24.06 -2.83 -14.65
N HIS A 47 23.27 -3.87 -14.87
CA HIS A 47 23.60 -4.80 -15.94
C HIS A 47 22.64 -4.68 -17.12
N LYS A 48 23.18 -4.39 -18.29
CA LYS A 48 22.36 -4.22 -19.48
C LYS A 48 21.70 -5.52 -19.89
N LEU A 49 20.44 -5.41 -20.27
CA LEU A 49 19.67 -6.53 -20.80
C LEU A 49 19.20 -6.09 -22.20
N GLY A 50 20.14 -6.02 -23.14
CA GLY A 50 19.84 -5.70 -24.51
C GLY A 50 19.19 -6.89 -25.19
N ALA A 51 18.75 -6.69 -26.43
CA ALA A 51 18.06 -7.73 -27.19
C ALA A 51 18.83 -9.05 -27.25
N ASP A 52 20.14 -8.96 -27.50
CA ASP A 52 21.00 -10.14 -27.57
C ASP A 52 21.01 -10.89 -26.25
N GLU A 53 21.00 -10.15 -25.14
CA GLU A 53 21.03 -10.75 -23.82
C GLU A 53 19.76 -11.55 -23.57
N LEU A 54 18.61 -10.98 -23.95
CA LEU A 54 17.33 -11.65 -23.77
C LEU A 54 17.21 -12.90 -24.64
N GLU A 55 17.66 -12.79 -25.88
CA GLU A 55 17.63 -13.93 -26.77
C GLU A 55 18.53 -15.07 -26.25
N ALA A 56 19.71 -14.71 -25.76
CA ALA A 56 20.64 -15.67 -25.17
C ALA A 56 20.02 -16.41 -23.99
N ILE A 57 19.31 -15.68 -23.12
CA ILE A 57 18.60 -16.27 -21.99
C ILE A 57 17.47 -17.18 -22.46
N ALA A 58 16.68 -16.67 -23.40
CA ALA A 58 15.54 -17.41 -23.95
C ALA A 58 15.94 -18.74 -24.58
N ARG A 59 16.84 -18.67 -25.57
CA ARG A 59 17.29 -19.86 -26.29
C ARG A 59 18.07 -20.87 -25.43
N ARG A 60 18.61 -20.40 -24.29
CA ARG A 60 19.31 -21.28 -23.36
C ARG A 60 18.37 -22.27 -22.69
N HIS A 61 17.13 -21.87 -22.41
CA HIS A 61 16.22 -22.71 -21.65
C HIS A 61 15.04 -23.27 -22.47
N TYR A 62 14.75 -22.65 -23.61
CA TYR A 62 13.61 -23.07 -24.42
C TYR A 62 13.99 -23.30 -25.86
N SER A 63 13.40 -24.34 -26.44
CA SER A 63 13.57 -24.63 -27.86
C SER A 63 12.69 -23.68 -28.65
N SER A 64 12.93 -23.56 -29.94
CA SER A 64 12.14 -22.67 -30.78
C SER A 64 10.67 -23.08 -30.80
N THR A 65 9.80 -22.11 -30.50
CA THR A 65 8.36 -22.24 -30.71
C THR A 65 7.92 -20.93 -31.35
N PRO A 66 6.81 -20.94 -32.10
CA PRO A 66 6.34 -19.71 -32.77
C PRO A 66 6.22 -18.52 -31.80
N SER A 67 5.72 -18.80 -30.61
CA SER A 67 5.57 -17.81 -29.53
C SER A 67 6.90 -17.18 -29.11
N LEU A 68 7.93 -18.01 -28.94
CA LEU A 68 9.27 -17.54 -28.62
C LEU A 68 9.83 -16.69 -29.77
N GLU A 69 9.64 -17.16 -31.00
CA GLU A 69 10.18 -16.44 -32.14
C GLU A 69 9.44 -15.10 -32.33
N LYS A 70 8.14 -15.10 -32.11
CA LYS A 70 7.40 -13.85 -32.23
C LYS A 70 7.81 -12.83 -31.15
N MET A 71 8.02 -13.32 -29.93
CA MET A 71 8.49 -12.48 -28.82
C MET A 71 9.85 -11.86 -29.13
N LEU A 72 10.80 -12.69 -29.55
CA LEU A 72 12.15 -12.21 -29.85
C LEU A 72 12.15 -11.18 -30.98
N GLU A 73 11.25 -11.37 -31.93
CA GLU A 73 11.11 -10.46 -33.07
C GLU A 73 10.53 -9.13 -32.63
N ILE A 74 9.53 -9.19 -31.76
CA ILE A 74 8.93 -8.01 -31.16
C ILE A 74 9.96 -7.30 -30.27
N ASN A 75 10.81 -8.08 -29.62
CA ASN A 75 11.80 -7.54 -28.70
C ASN A 75 12.80 -6.60 -29.38
N ARG A 76 13.10 -6.87 -30.64
CA ARG A 76 14.04 -6.04 -31.38
C ARG A 76 13.39 -4.78 -31.95
N LYS A 77 12.08 -4.66 -31.79
CA LYS A 77 11.32 -3.54 -32.36
C LYS A 77 10.81 -2.51 -31.34
N THR A 78 11.13 -2.71 -30.06
CA THR A 78 10.52 -1.93 -28.99
C THR A 78 11.03 -0.49 -28.94
N ARG A 79 12.14 -0.24 -29.62
CA ARG A 79 12.78 1.07 -29.65
C ARG A 79 13.33 1.44 -28.29
N ILE A 80 13.54 0.40 -27.48
CA ILE A 80 14.34 0.49 -26.27
C ILE A 80 15.76 0.11 -26.66
N ASP A 81 16.71 1.00 -26.40
CA ASP A 81 18.11 0.72 -26.67
C ASP A 81 18.69 -0.13 -25.55
N HIS A 82 18.46 0.30 -24.31
CA HIS A 82 18.95 -0.42 -23.14
C HIS A 82 17.89 -0.63 -22.09
N ARG A 83 17.85 -1.85 -21.56
CA ARG A 83 17.18 -2.12 -20.30
C ARG A 83 18.21 -2.59 -19.33
N TYR A 84 17.93 -2.41 -18.04
CA TYR A 84 18.87 -2.83 -17.03
C TYR A 84 18.30 -3.89 -16.10
N SER A 85 19.18 -4.71 -15.56
CA SER A 85 18.79 -5.78 -14.66
C SER A 85 19.77 -5.84 -13.52
N VAL A 86 19.28 -6.20 -12.34
CA VAL A 86 20.14 -6.39 -11.18
C VAL A 86 20.94 -7.68 -11.33
N PHE A 87 20.57 -8.52 -12.31
CA PHE A 87 21.27 -9.79 -12.53
C PHE A 87 22.22 -9.71 -13.74
N SER A 88 23.52 -9.83 -13.49
CA SER A 88 24.51 -9.82 -14.56
C SER A 88 24.30 -11.05 -15.43
N SER A 89 24.85 -11.01 -16.63
CA SER A 89 24.63 -12.08 -17.61
C SER A 89 25.07 -13.46 -17.12
N ASP A 90 26.04 -13.46 -16.21
CA ASP A 90 26.59 -14.70 -15.67
C ASP A 90 25.93 -15.11 -14.36
N HIS A 91 24.99 -14.30 -13.86
CA HIS A 91 24.28 -14.61 -12.62
C HIS A 91 23.49 -15.90 -12.74
N GLU A 92 23.35 -16.65 -11.65
CA GLU A 92 22.67 -17.93 -11.70
C GLU A 92 21.18 -17.80 -12.02
N HIS A 93 20.62 -16.60 -11.85
CA HIS A 93 19.23 -16.35 -12.17
C HIS A 93 18.95 -16.73 -13.62
N TRP A 94 19.91 -16.43 -14.48
CA TRP A 94 19.73 -16.65 -15.91
C TRP A 94 20.16 -18.04 -16.34
N HIS A 95 20.80 -18.78 -15.44
CA HIS A 95 21.41 -20.06 -15.80
C HIS A 95 20.79 -21.27 -15.09
N ARG A 96 20.20 -21.04 -13.91
CA ARG A 96 19.54 -22.10 -13.13
C ARG A 96 18.52 -22.88 -13.98
N PRO A 97 18.46 -24.20 -13.80
CA PRO A 97 17.53 -25.06 -14.55
C PRO A 97 16.09 -24.98 -14.06
N THR A 98 15.88 -24.51 -12.83
CA THR A 98 14.52 -24.38 -12.31
C THR A 98 14.04 -22.93 -12.22
N ILE A 99 12.73 -22.76 -12.29
CA ILE A 99 12.07 -21.47 -12.11
C ILE A 99 12.09 -21.09 -10.64
N PRO A 100 12.58 -19.88 -10.32
CA PRO A 100 12.65 -19.41 -8.93
C PRO A 100 11.29 -19.48 -8.23
N SER A 101 11.28 -19.90 -6.96
CA SER A 101 10.03 -19.92 -6.20
C SER A 101 9.65 -18.50 -5.80
N PHE A 102 8.44 -18.31 -5.30
CA PHE A 102 8.01 -16.98 -4.85
C PHE A 102 8.89 -16.50 -3.71
N SER A 103 9.16 -17.38 -2.76
CA SER A 103 10.07 -17.09 -1.66
C SER A 103 11.43 -16.60 -2.13
N GLU A 104 11.97 -17.21 -3.19
CA GLU A 104 13.23 -16.77 -3.75
C GLU A 104 13.09 -15.42 -4.43
N CYS A 105 12.00 -15.23 -5.16
CA CYS A 105 11.71 -13.94 -5.77
C CYS A 105 11.66 -12.82 -4.72
N ASP A 106 11.12 -13.14 -3.55
CA ASP A 106 11.15 -12.23 -2.42
C ASP A 106 12.57 -11.94 -1.92
N SER A 107 13.37 -12.98 -1.71
CA SER A 107 14.76 -12.82 -1.24
C SER A 107 15.59 -12.00 -2.22
N LEU A 108 15.45 -12.32 -3.50
CA LEU A 108 16.13 -11.57 -4.56
C LEU A 108 15.81 -10.06 -4.53
N PHE A 109 14.54 -9.70 -4.32
CA PHE A 109 14.15 -8.29 -4.18
C PHE A 109 14.82 -7.68 -2.95
N LYS A 110 14.81 -8.42 -1.85
CA LYS A 110 15.44 -7.97 -0.62
C LYS A 110 16.94 -7.75 -0.85
N GLU A 111 17.54 -8.64 -1.63
CA GLU A 111 18.98 -8.66 -1.82
C GLU A 111 19.45 -7.61 -2.82
N TYR A 112 18.63 -7.34 -3.82
CA TYR A 112 19.04 -6.48 -4.93
C TYR A 112 18.22 -5.19 -5.03
N GLY A 113 16.93 -5.30 -4.76
CA GLY A 113 16.06 -4.14 -4.85
C GLY A 113 16.28 -3.16 -3.73
N ILE A 114 16.25 -3.64 -2.50
CA ILE A 114 16.39 -2.75 -1.34
C ILE A 114 17.70 -1.93 -1.37
N PRO A 115 18.85 -2.57 -1.67
CA PRO A 115 20.04 -1.72 -1.80
C PRO A 115 19.91 -0.67 -2.91
N LEU A 116 19.25 -1.02 -4.01
CA LEU A 116 19.03 -0.09 -5.11
C LEU A 116 18.19 1.09 -4.60
N ALA A 117 17.23 0.77 -3.73
CA ALA A 117 16.32 1.75 -3.17
C ALA A 117 17.01 2.64 -2.14
N SER A 118 17.93 2.07 -1.35
CA SER A 118 18.72 2.83 -0.41
C SER A 118 19.63 3.83 -1.10
N ALA A 119 20.30 3.39 -2.16
CA ALA A 119 21.23 4.28 -2.88
C ALA A 119 20.47 5.42 -3.52
N ALA A 120 19.33 5.09 -4.12
CA ALA A 120 18.47 6.07 -4.76
C ALA A 120 17.91 7.05 -3.74
N SER A 121 17.46 6.52 -2.60
CA SER A 121 16.94 7.37 -1.52
C SER A 121 18.03 8.27 -0.96
N ALA A 122 19.19 7.68 -0.66
CA ALA A 122 20.31 8.43 -0.11
C ALA A 122 20.75 9.54 -1.06
N ARG A 123 20.84 9.24 -2.35
CA ARG A 123 21.21 10.24 -3.35
C ARG A 123 20.22 11.42 -3.41
N ALA A 124 18.91 11.13 -3.27
CA ALA A 124 17.88 12.17 -3.27
C ALA A 124 17.98 13.04 -2.02
N ILE A 125 18.26 12.41 -0.88
CA ILE A 125 18.45 13.12 0.37
C ILE A 125 19.66 14.06 0.26
N GLN A 126 20.69 13.59 -0.43
CA GLN A 126 21.89 14.38 -0.64
C GLN A 126 21.63 15.54 -1.61
N ASP A 127 20.80 15.30 -2.63
CA ASP A 127 20.37 16.35 -3.54
C ASP A 127 19.60 17.43 -2.78
N TRP A 128 18.78 16.98 -1.84
CA TRP A 128 17.99 17.86 -1.00
C TRP A 128 18.85 18.74 -0.11
N GLY A 129 19.77 18.13 0.63
CA GLY A 129 20.67 18.90 1.47
C GLY A 129 20.36 18.77 2.95
N GLY A 130 19.18 18.25 3.27
CA GLY A 130 18.76 18.10 4.66
C GLY A 130 19.31 16.85 5.33
N VAL A 131 18.97 16.66 6.61
CA VAL A 131 19.40 15.47 7.34
C VAL A 131 18.23 14.50 7.52
N PRO A 132 18.53 13.19 7.52
CA PRO A 132 17.54 12.11 7.69
C PRO A 132 16.57 12.29 8.86
N ASP A 133 17.05 12.80 10.01
CA ASP A 133 16.23 13.12 11.17
C ASP A 133 15.04 14.00 10.84
N GLU A 134 15.19 14.82 9.81
CA GLU A 134 14.19 15.82 9.47
C GLU A 134 13.14 15.29 8.51
N ILE A 135 13.32 14.07 8.02
CA ILE A 135 12.29 13.41 7.21
C ILE A 135 11.17 12.98 8.14
N THR A 136 9.96 13.46 7.84
CA THR A 136 8.81 13.17 8.68
C THR A 136 7.92 12.05 8.11
N HIS A 137 7.91 11.93 6.78
CA HIS A 137 7.04 10.99 6.09
C HIS A 137 7.84 10.15 5.13
N LEU A 138 7.43 8.90 4.96
CA LEU A 138 8.01 8.03 3.93
C LEU A 138 6.87 7.42 3.15
N VAL A 139 6.83 7.73 1.84
CA VAL A 139 5.83 7.17 0.94
C VAL A 139 6.52 6.26 -0.06
N ALA A 140 6.27 4.96 0.05
CA ALA A 140 6.97 3.96 -0.75
C ALA A 140 6.02 3.24 -1.70
N VAL A 141 6.55 2.69 -2.77
CA VAL A 141 5.71 2.00 -3.74
C VAL A 141 6.52 0.97 -4.54
N THR A 142 5.87 -0.16 -4.81
CA THR A 142 6.43 -1.25 -5.63
C THR A 142 5.30 -2.18 -6.04
N CYS A 143 5.45 -2.85 -7.17
CA CYS A 143 4.52 -3.90 -7.56
C CYS A 143 5.30 -5.18 -7.86
N THR A 144 6.55 -5.22 -7.44
CA THR A 144 7.41 -6.34 -7.74
C THR A 144 7.88 -6.99 -6.43
N ASN A 145 7.10 -6.78 -5.37
CA ASN A 145 7.39 -7.36 -4.06
C ASN A 145 6.15 -7.29 -3.18
N THR A 146 5.94 -8.35 -2.40
CA THR A 146 4.97 -8.31 -1.32
C THR A 146 5.63 -8.95 -0.10
N ALA A 147 5.56 -8.26 1.04
CA ALA A 147 6.30 -8.65 2.24
C ALA A 147 5.72 -7.96 3.47
N HIS A 148 5.86 -8.63 4.62
CA HIS A 148 5.44 -8.08 5.90
C HIS A 148 6.54 -8.34 6.93
N PRO A 149 7.22 -7.28 7.38
CA PRO A 149 7.04 -5.87 7.03
C PRO A 149 7.52 -5.54 5.61
N GLY A 150 6.94 -4.52 4.98
CA GLY A 150 7.29 -4.16 3.62
C GLY A 150 8.68 -3.55 3.54
N PHE A 151 9.19 -3.33 2.33
CA PHE A 151 10.57 -2.90 2.19
C PHE A 151 10.82 -1.50 2.74
N ASP A 152 9.75 -0.70 2.87
CA ASP A 152 9.86 0.62 3.50
C ASP A 152 10.43 0.52 4.91
N SER A 153 10.08 -0.55 5.61
CA SER A 153 10.49 -0.73 6.98
C SER A 153 12.02 -0.92 7.09
N VAL A 154 12.55 -1.78 6.21
CA VAL A 154 13.99 -2.01 6.13
C VAL A 154 14.70 -0.71 5.77
N LEU A 155 14.08 0.05 4.87
CA LEU A 155 14.65 1.28 4.35
C LEU A 155 14.80 2.33 5.44
N CYS A 156 13.85 2.39 6.37
CA CYS A 156 13.95 3.29 7.51
C CYS A 156 15.22 3.03 8.31
N ARG A 157 15.57 1.75 8.45
CA ARG A 157 16.76 1.36 9.20
C ARG A 157 18.05 1.70 8.43
N LYS A 158 18.11 1.32 7.15
CA LYS A 158 19.29 1.62 6.30
C LYS A 158 19.65 3.12 6.24
N LEU A 159 18.64 3.98 6.25
CA LEU A 159 18.85 5.40 6.06
C LEU A 159 18.92 6.16 7.38
N GLY A 160 18.62 5.48 8.48
CA GLY A 160 18.68 6.11 9.79
C GLY A 160 17.57 7.11 10.04
N LEU A 161 16.40 6.84 9.46
CA LEU A 161 15.24 7.68 9.69
C LEU A 161 14.82 7.58 11.16
N LYS A 162 14.20 8.65 11.67
CA LYS A 162 13.78 8.70 13.07
C LYS A 162 12.78 7.58 13.35
N CYS A 163 12.69 7.17 14.61
CA CYS A 163 11.86 6.04 14.99
C CYS A 163 10.36 6.32 14.80
N ASN A 164 9.97 7.59 14.73
CA ASN A 164 8.58 7.98 14.51
C ASN A 164 8.27 8.49 13.09
N VAL A 165 9.12 8.14 12.13
CA VAL A 165 8.85 8.48 10.73
C VAL A 165 7.53 7.84 10.29
N ARG A 166 6.73 8.59 9.54
CA ARG A 166 5.37 8.17 9.22
C ARG A 166 5.33 7.51 7.84
N ARG A 167 5.22 6.18 7.85
CA ARG A 167 5.44 5.35 6.67
C ARG A 167 4.15 5.05 5.96
N VAL A 168 4.22 5.00 4.64
CA VAL A 168 3.13 4.55 3.79
C VAL A 168 3.71 3.67 2.68
N LEU A 169 3.24 2.43 2.55
CA LEU A 169 3.64 1.59 1.41
C LEU A 169 2.44 1.35 0.50
N LEU A 170 2.48 1.93 -0.70
CA LEU A 170 1.37 1.81 -1.65
C LEU A 170 1.41 0.50 -2.42
N HIS A 171 0.23 0.01 -2.79
CA HIS A 171 0.11 -1.29 -3.45
C HIS A 171 -0.99 -1.19 -4.50
N GLY A 172 -0.95 -2.10 -5.48
CA GLY A 172 -2.04 -2.33 -6.39
C GLY A 172 -2.11 -1.46 -7.63
N ILE A 173 -1.13 -0.58 -7.81
CA ILE A 173 -1.25 0.52 -8.78
C ILE A 173 -0.30 0.39 -9.98
N GLY A 174 0.79 -0.33 -9.80
CA GLY A 174 1.72 -0.58 -10.90
C GLY A 174 2.33 0.70 -11.44
N CYS A 175 2.26 0.87 -12.76
CA CYS A 175 2.94 1.97 -13.45
C CYS A 175 2.47 3.36 -13.02
N GLY A 176 1.28 3.45 -12.45
CA GLY A 176 0.79 4.74 -11.97
C GLY A 176 1.37 5.13 -10.62
N GLY A 177 2.14 4.22 -10.02
CA GLY A 177 2.59 4.35 -8.65
C GLY A 177 3.47 5.54 -8.32
N GLY A 178 4.33 5.94 -9.24
CA GLY A 178 5.19 7.09 -9.00
C GLY A 178 4.38 8.35 -8.75
N ILE A 179 3.39 8.58 -9.60
CA ILE A 179 2.54 9.75 -9.45
C ILE A 179 1.56 9.63 -8.28
N SER A 180 1.03 8.43 -8.01
CA SER A 180 0.14 8.31 -6.86
C SER A 180 0.89 8.55 -5.54
N ALA A 181 2.16 8.16 -5.48
CA ALA A 181 3.00 8.46 -4.33
C ALA A 181 3.09 9.97 -4.15
N MET A 182 3.34 10.67 -5.26
CA MET A 182 3.39 12.14 -5.28
C MET A 182 2.07 12.74 -4.79
N ARG A 183 0.96 12.22 -5.32
CA ARG A 183 -0.38 12.65 -4.91
C ARG A 183 -0.56 12.52 -3.40
N VAL A 184 -0.29 11.34 -2.87
CA VAL A 184 -0.44 11.07 -1.45
C VAL A 184 0.47 11.96 -0.61
N ALA A 185 1.74 12.05 -0.98
CA ALA A 185 2.70 12.87 -0.23
C ALA A 185 2.36 14.37 -0.23
N HIS A 186 1.92 14.87 -1.37
CA HIS A 186 1.46 16.25 -1.52
C HIS A 186 0.43 16.56 -0.44
N GLU A 187 -0.62 15.76 -0.41
CA GLU A 187 -1.73 15.96 0.51
C GLU A 187 -1.34 15.82 1.97
N LEU A 188 -0.53 14.80 2.28
CA LEU A 188 0.02 14.59 3.62
C LEU A 188 0.80 15.81 4.10
N LEU A 189 1.56 16.39 3.19
CA LEU A 189 2.36 17.57 3.51
C LEU A 189 1.47 18.78 3.73
N LEU A 190 0.42 18.94 2.91
CA LEU A 190 -0.59 19.96 3.13
C LEU A 190 -1.25 19.82 4.50
N GLY A 191 -1.39 18.59 4.98
CA GLY A 191 -1.94 18.34 6.30
C GLY A 191 -1.04 18.83 7.42
N SER A 192 0.27 18.83 7.18
CA SER A 192 1.23 19.38 8.13
C SER A 192 1.30 20.90 8.04
N THR A 193 1.08 21.45 6.85
CA THR A 193 0.93 22.88 6.73
C THR A 193 -0.30 23.34 7.51
N GLN A 194 -1.37 22.54 7.48
CA GLN A 194 -2.59 22.85 8.24
C GLN A 194 -2.31 22.96 9.75
N GLN A 195 -1.39 22.14 10.25
CA GLN A 195 -1.02 22.17 11.67
C GLN A 195 0.14 23.12 11.97
N GLY A 196 0.73 23.68 10.91
CA GLY A 196 1.81 24.63 11.05
C GLY A 196 3.16 24.05 11.45
N VAL A 197 3.37 22.76 11.17
CA VAL A 197 4.63 22.12 11.49
C VAL A 197 5.42 21.81 10.22
N PRO A 198 6.75 21.70 10.33
CA PRO A 198 7.53 21.33 9.14
C PRO A 198 7.19 19.91 8.69
N ALA A 199 7.33 19.64 7.39
CA ALA A 199 7.16 18.28 6.85
C ALA A 199 8.10 18.10 5.67
N ARG A 200 8.80 16.97 5.67
CA ARG A 200 9.66 16.58 4.58
C ARG A 200 9.33 15.13 4.29
N ALA A 201 8.90 14.84 3.07
CA ALA A 201 8.57 13.47 2.68
C ALA A 201 9.63 12.90 1.74
N LEU A 202 10.09 11.69 2.03
CA LEU A 202 10.87 10.92 1.06
C LEU A 202 9.90 10.02 0.33
N ILE A 203 9.92 10.11 -1.00
CA ILE A 203 9.13 9.22 -1.85
C ILE A 203 10.10 8.22 -2.44
N VAL A 204 9.80 6.92 -2.33
CA VAL A 204 10.71 5.90 -2.86
C VAL A 204 10.00 4.81 -3.67
N ALA A 205 10.35 4.74 -4.95
CA ALA A 205 9.83 3.71 -5.84
C ALA A 205 10.93 2.73 -6.15
N CYS A 206 10.62 1.44 -6.03
CA CYS A 206 11.62 0.42 -6.27
C CYS A 206 11.00 -0.74 -7.03
N GLU A 207 11.52 -1.01 -8.21
CA GLU A 207 10.92 -2.03 -9.06
C GLU A 207 11.98 -2.97 -9.60
N VAL A 208 11.83 -4.26 -9.32
CA VAL A 208 12.77 -5.24 -9.89
C VAL A 208 12.03 -6.33 -10.71
N PRO A 209 11.44 -5.93 -11.84
CA PRO A 209 10.64 -6.90 -12.60
C PRO A 209 11.43 -8.08 -13.20
N THR A 210 12.72 -7.93 -13.45
CA THR A 210 13.49 -9.03 -14.03
C THR A 210 13.62 -10.24 -13.09
N VAL A 211 13.27 -10.06 -11.82
CA VAL A 211 13.14 -11.18 -10.90
C VAL A 211 12.13 -12.20 -11.42
N PHE A 212 11.06 -11.71 -12.05
CA PHE A 212 10.00 -12.59 -12.54
C PHE A 212 10.18 -12.99 -14.00
N ALA A 213 11.33 -12.63 -14.59
CA ALA A 213 11.61 -12.92 -15.99
C ALA A 213 11.66 -14.41 -16.29
N ARG A 214 12.17 -15.22 -15.36
CA ARG A 214 12.25 -16.65 -15.60
C ARG A 214 10.86 -17.29 -15.62
N SER A 215 10.01 -16.87 -14.69
CA SER A 215 8.63 -17.34 -14.61
C SER A 215 7.81 -16.96 -15.84
N GLU A 216 7.94 -15.72 -16.28
CA GLU A 216 7.17 -15.23 -17.42
C GLU A 216 7.51 -16.00 -18.69
N LEU A 217 8.80 -16.27 -18.89
CA LEU A 217 9.26 -17.02 -20.06
C LEU A 217 8.66 -18.41 -20.05
N ASP A 218 8.67 -19.04 -18.89
CA ASP A 218 8.13 -20.38 -18.73
C ASP A 218 6.65 -20.43 -19.09
N ILE A 219 5.87 -19.50 -18.56
CA ILE A 219 4.45 -19.39 -18.86
C ILE A 219 4.22 -19.16 -20.36
N MET A 220 5.02 -18.28 -20.95
CA MET A 220 4.91 -18.02 -22.38
C MET A 220 5.20 -19.29 -23.20
N ASP A 221 6.18 -20.05 -22.75
CA ASP A 221 6.49 -21.32 -23.40
C ASP A 221 5.32 -22.28 -23.30
N LYS A 222 4.80 -22.48 -22.09
CA LYS A 222 3.74 -23.45 -21.85
C LYS A 222 2.39 -23.11 -22.49
N THR A 223 2.06 -21.82 -22.56
CA THR A 223 0.76 -21.42 -23.09
C THR A 223 0.84 -20.93 -24.53
N GLN A 224 2.06 -20.72 -25.02
CA GLN A 224 2.26 -20.17 -26.36
C GLN A 224 1.57 -18.82 -26.55
N ASP A 225 1.31 -18.14 -25.44
CA ASP A 225 0.81 -16.77 -25.47
C ASP A 225 1.99 -15.83 -25.41
N VAL A 226 2.20 -15.05 -26.47
CA VAL A 226 3.29 -14.09 -26.50
C VAL A 226 3.14 -13.07 -25.37
N ASN A 227 4.17 -12.96 -24.53
CA ASN A 227 4.15 -12.03 -23.40
C ASN A 227 5.09 -10.87 -23.63
N VAL A 228 4.54 -9.78 -24.13
CA VAL A 228 5.31 -8.57 -24.46
C VAL A 228 6.05 -7.96 -23.27
N ALA A 229 5.60 -8.26 -22.05
CA ALA A 229 6.27 -7.77 -20.85
C ALA A 229 7.74 -8.21 -20.79
N MET A 230 8.05 -9.32 -21.47
CA MET A 230 9.41 -9.80 -21.61
C MET A 230 10.32 -8.73 -22.22
N CYS A 231 9.73 -7.90 -23.09
CA CYS A 231 10.51 -7.00 -23.94
C CYS A 231 10.63 -5.59 -23.36
N LEU A 232 9.77 -5.24 -22.42
CA LEU A 232 9.57 -3.83 -22.04
C LEU A 232 10.17 -3.41 -20.71
N PHE A 233 10.22 -4.33 -19.74
CA PHE A 233 10.45 -3.95 -18.35
C PHE A 233 11.91 -4.09 -17.89
N GLY A 234 12.32 -3.21 -16.97
CA GLY A 234 13.67 -3.23 -16.43
C GLY A 234 13.69 -2.77 -14.98
N ASP A 235 14.81 -3.00 -14.31
CA ASP A 235 14.90 -2.74 -12.87
C ASP A 235 15.42 -1.34 -12.60
N CYS A 236 14.84 -0.68 -11.61
CA CYS A 236 15.26 0.68 -11.26
C CYS A 236 14.74 1.05 -9.90
N ALA A 237 15.42 1.96 -9.23
CA ALA A 237 14.86 2.60 -8.06
C ALA A 237 15.04 4.10 -8.22
N ALA A 238 14.13 4.86 -7.64
CA ALA A 238 14.15 6.30 -7.82
C ALA A 238 13.47 6.90 -6.62
N ALA A 239 13.79 8.16 -6.33
CA ALA A 239 13.26 8.83 -5.14
C ALA A 239 13.11 10.34 -5.31
N LEU A 240 12.18 10.93 -4.55
CA LEU A 240 12.05 12.39 -4.47
C LEU A 240 12.01 12.82 -3.01
N VAL A 241 12.53 14.01 -2.72
CA VAL A 241 12.24 14.63 -1.43
C VAL A 241 11.29 15.80 -1.65
N LEU A 242 10.19 15.80 -0.88
CA LEU A 242 9.19 16.86 -0.95
C LEU A 242 9.18 17.66 0.35
N SER A 243 8.80 18.93 0.27
CA SER A 243 8.79 19.79 1.45
C SER A 243 7.52 20.66 1.47
N ASN A 244 6.97 20.89 2.66
CA ASN A 244 5.82 21.78 2.81
C ASN A 244 6.26 23.21 3.04
N GLY A 245 7.58 23.42 3.06
CA GLY A 245 8.16 24.75 3.11
C GLY A 245 8.24 25.38 4.48
N ILE A 246 7.64 24.75 5.48
CA ILE A 246 7.68 25.28 6.84
C ILE A 246 8.99 24.91 7.52
N GLY A 247 9.61 25.88 8.18
CA GLY A 247 10.85 25.64 8.90
C GLY A 247 12.01 25.32 7.97
N HIS A 248 12.05 25.99 6.81
CA HIS A 248 13.11 25.83 5.84
C HIS A 248 14.47 26.16 6.44
N LYS A 249 15.43 25.26 6.25
CA LYS A 249 16.80 25.53 6.68
C LYS A 249 17.71 25.89 5.51
N ALA A 250 18.82 26.56 5.82
CA ALA A 250 19.78 27.01 4.81
C ALA A 250 20.45 25.87 4.04
N SER A 251 20.59 24.71 4.68
CA SER A 251 21.19 23.54 4.04
C SER A 251 20.33 23.00 2.89
N GLU A 252 19.05 23.31 2.92
CA GLU A 252 18.11 22.70 2.00
C GLU A 252 18.04 23.41 0.66
N GLN A 253 17.89 22.63 -0.41
CA GLN A 253 17.75 23.20 -1.75
C GLN A 253 16.40 23.87 -1.90
N ARG A 254 16.39 25.01 -2.58
CA ARG A 254 15.15 25.71 -2.88
C ARG A 254 14.27 24.83 -3.78
N PRO A 255 12.97 25.12 -3.82
CA PRO A 255 12.08 24.33 -4.67
C PRO A 255 12.56 24.18 -6.12
N ILE A 256 12.49 22.94 -6.60
CA ILE A 256 12.76 22.67 -8.00
C ILE A 256 11.46 22.90 -8.77
N TRP A 257 10.39 22.26 -8.31
CA TRP A 257 9.03 22.51 -8.77
C TRP A 257 8.12 22.67 -7.56
N ASN A 258 7.07 23.48 -7.69
CA ASN A 258 5.96 23.46 -6.76
C ASN A 258 4.89 22.51 -7.30
N ILE A 259 4.27 21.74 -6.41
CA ILE A 259 3.19 20.87 -6.83
C ILE A 259 1.87 21.58 -6.56
N LEU A 260 1.13 21.85 -7.63
CA LEU A 260 -0.10 22.61 -7.56
C LEU A 260 -1.33 21.74 -7.32
N ASN A 261 -1.41 20.61 -8.00
CA ASN A 261 -2.57 19.74 -7.90
C ASN A 261 -2.31 18.38 -8.51
N CYS A 262 -2.90 17.34 -7.92
CA CYS A 262 -2.87 15.99 -8.48
C CYS A 262 -4.29 15.52 -8.64
N GLU A 263 -4.56 14.78 -9.71
CA GLU A 263 -5.92 14.36 -9.99
C GLU A 263 -5.97 12.98 -10.65
N PRO A 264 -6.46 11.97 -9.91
CA PRO A 264 -6.64 10.60 -10.41
C PRO A 264 -7.98 10.41 -11.12
N THR A 265 -8.03 9.50 -12.09
CA THR A 265 -9.27 9.13 -12.75
C THR A 265 -9.29 7.64 -13.04
N GLN A 266 -10.35 6.97 -12.60
CA GLN A 266 -10.58 5.58 -12.97
C GLN A 266 -11.59 5.55 -14.12
N PHE A 267 -11.33 4.73 -15.12
CA PHE A 267 -12.21 4.70 -16.29
C PHE A 267 -13.11 3.48 -16.30
N ASP A 268 -14.34 3.69 -16.77
CA ASP A 268 -15.34 2.63 -16.85
C ASP A 268 -14.98 1.57 -17.89
N GLY A 269 -15.19 0.31 -17.53
CA GLY A 269 -15.03 -0.81 -18.46
C GLY A 269 -13.61 -1.10 -18.91
N THR A 270 -12.65 -1.01 -17.98
CA THR A 270 -11.23 -1.19 -18.33
C THR A 270 -10.48 -2.17 -17.41
N GLU A 271 -11.21 -3.12 -16.83
CA GLU A 271 -10.61 -4.07 -15.89
C GLU A 271 -9.68 -5.08 -16.58
N ASP A 272 -10.13 -5.58 -17.73
CA ASP A 272 -9.43 -6.65 -18.45
C ASP A 272 -8.18 -6.17 -19.17
N ILE A 273 -7.91 -4.87 -19.07
CA ILE A 273 -6.81 -4.25 -19.81
C ILE A 273 -5.40 -4.65 -19.30
N ALA A 274 -5.11 -4.42 -18.03
CA ALA A 274 -3.76 -4.69 -17.55
C ALA A 274 -3.79 -5.28 -16.15
N HIS A 275 -3.52 -6.57 -16.04
CA HIS A 275 -3.46 -7.23 -14.74
C HIS A 275 -2.02 -7.64 -14.44
N PHE A 276 -1.64 -7.60 -13.16
CA PHE A 276 -0.39 -8.16 -12.71
C PHE A 276 -0.77 -9.20 -11.65
N ASN A 277 -1.06 -10.41 -12.13
CA ASN A 277 -1.71 -11.44 -11.34
C ASN A 277 -0.76 -12.36 -10.59
N VAL A 278 -0.99 -12.51 -9.29
CA VAL A 278 -0.19 -13.40 -8.49
C VAL A 278 -0.42 -14.87 -8.87
N HIS A 279 0.62 -15.67 -8.72
CA HIS A 279 0.55 -17.10 -8.91
C HIS A 279 1.71 -17.70 -8.12
N ASP A 280 1.92 -19.01 -8.24
CA ASP A 280 2.89 -19.72 -7.39
C ASP A 280 4.36 -19.24 -7.51
N LYS A 281 4.77 -18.85 -8.71
CA LYS A 281 6.14 -18.40 -8.96
C LYS A 281 6.26 -16.87 -9.12
N GLY A 282 5.36 -16.11 -8.48
CA GLY A 282 5.45 -14.67 -8.52
C GLY A 282 4.24 -13.95 -9.09
N TYR A 283 4.50 -13.01 -10.00
CA TYR A 283 3.43 -12.28 -10.67
C TYR A 283 3.56 -12.48 -12.18
N HIS A 284 2.44 -12.60 -12.86
CA HIS A 284 2.38 -12.75 -14.30
C HIS A 284 1.68 -11.53 -14.89
N ALA A 285 2.32 -10.88 -15.86
CA ALA A 285 1.74 -9.69 -16.47
C ALA A 285 0.83 -10.02 -17.66
N ILE A 286 -0.32 -9.36 -17.71
CA ILE A 286 -1.19 -9.44 -18.88
C ILE A 286 -1.34 -8.05 -19.49
N ILE A 287 -0.65 -7.82 -20.60
CA ILE A 287 -0.65 -6.54 -21.27
C ILE A 287 -1.61 -6.61 -22.47
N ASP A 288 -2.72 -5.88 -22.39
CA ASP A 288 -3.70 -5.93 -23.47
C ASP A 288 -3.27 -5.06 -24.65
N LYS A 289 -3.58 -5.54 -25.85
CA LYS A 289 -3.17 -4.88 -27.09
C LYS A 289 -3.88 -3.54 -27.33
N ARG A 290 -5.00 -3.34 -26.64
CA ARG A 290 -5.82 -2.14 -26.78
C ARG A 290 -5.30 -1.02 -25.88
N ILE A 291 -4.13 -1.21 -25.30
CA ILE A 291 -3.56 -0.20 -24.40
C ILE A 291 -3.26 1.17 -25.04
N PRO A 292 -2.58 1.20 -26.21
CA PRO A 292 -2.35 2.53 -26.80
C PRO A 292 -3.63 3.23 -27.26
N GLN A 293 -4.57 2.48 -27.81
CA GLN A 293 -5.83 3.06 -28.26
C GLN A 293 -6.57 3.72 -27.10
N LEU A 294 -6.54 3.05 -25.95
CA LEU A 294 -7.19 3.54 -24.73
C LEU A 294 -6.48 4.79 -24.20
N THR A 295 -5.17 4.85 -24.42
CA THR A 295 -4.36 5.99 -24.00
C THR A 295 -4.75 7.27 -24.72
N GLY A 296 -4.98 7.20 -26.02
CA GLY A 296 -5.36 8.37 -26.79
C GLY A 296 -6.71 8.94 -26.42
N LYS A 297 -7.64 8.06 -26.07
CA LYS A 297 -8.99 8.49 -25.65
C LYS A 297 -9.00 9.13 -24.25
N CYS A 298 -8.22 8.54 -23.34
CA CYS A 298 -8.29 8.87 -21.92
C CYS A 298 -7.42 10.03 -21.42
N VAL A 299 -6.20 10.17 -21.94
CA VAL A 299 -5.31 11.25 -21.51
C VAL A 299 -5.87 12.65 -21.71
N PRO A 300 -6.48 12.94 -22.89
CA PRO A 300 -7.05 14.29 -23.01
C PRO A 300 -8.18 14.49 -22.01
N ALA A 301 -8.96 13.44 -21.76
CA ALA A 301 -10.03 13.49 -20.78
C ALA A 301 -9.46 13.83 -19.42
N GLY A 302 -8.42 13.09 -19.03
CA GLY A 302 -7.78 13.29 -17.74
C GLY A 302 -7.16 14.65 -17.56
N PHE A 303 -6.61 15.19 -18.65
CA PHE A 303 -5.94 16.49 -18.61
C PHE A 303 -6.97 17.59 -18.35
N GLN A 304 -8.12 17.49 -18.99
CA GLN A 304 -9.21 18.45 -18.79
C GLN A 304 -9.64 18.43 -17.33
N SER A 305 -9.87 17.24 -16.80
CA SER A 305 -10.29 17.10 -15.39
C SER A 305 -9.29 17.76 -14.45
N LEU A 306 -8.00 17.55 -14.72
CA LEU A 306 -6.96 18.11 -13.86
C LEU A 306 -7.03 19.64 -13.84
N ILE A 307 -7.16 20.23 -15.02
CA ILE A 307 -7.20 21.69 -15.14
C ILE A 307 -8.46 22.28 -14.50
N SER A 308 -9.60 21.70 -14.83
CA SER A 308 -10.86 22.21 -14.31
C SER A 308 -11.03 21.99 -12.80
N SER A 309 -10.23 21.10 -12.24
CA SER A 309 -10.21 20.91 -10.79
C SER A 309 -9.07 21.70 -10.15
N THR A 310 -8.40 22.53 -10.94
CA THR A 310 -7.38 23.42 -10.40
C THR A 310 -7.93 24.85 -10.43
N PRO A 311 -8.40 25.33 -9.28
CA PRO A 311 -9.10 26.61 -9.15
C PRO A 311 -8.35 27.79 -9.79
N SER A 312 -7.02 27.82 -9.66
CA SER A 312 -6.23 28.92 -10.16
C SER A 312 -5.98 28.84 -11.68
N LEU A 313 -6.48 27.79 -12.31
CA LEU A 313 -6.26 27.59 -13.74
C LEU A 313 -7.56 27.34 -14.50
N ALA A 314 -8.58 26.87 -13.77
CA ALA A 314 -9.80 26.31 -14.36
C ALA A 314 -10.61 27.27 -15.21
N LEU A 315 -10.47 28.56 -14.97
CA LEU A 315 -11.31 29.54 -15.64
C LEU A 315 -10.84 29.90 -17.04
N GLU A 316 -9.55 30.11 -17.22
CA GLU A 316 -9.03 30.58 -18.50
C GLU A 316 -8.89 29.47 -19.54
N GLU A 317 -9.29 29.79 -20.77
CA GLU A 317 -9.43 28.80 -21.84
C GLU A 317 -8.08 28.34 -22.41
N LYS A 318 -7.07 29.20 -22.33
CA LYS A 318 -5.73 28.87 -22.79
C LYS A 318 -5.13 27.74 -21.94
N ASN A 319 -5.54 27.69 -20.68
CA ASN A 319 -5.06 26.70 -19.74
C ASN A 319 -5.51 25.28 -20.08
N TYR A 320 -6.42 25.17 -21.02
CA TYR A 320 -6.89 23.85 -21.43
C TYR A 320 -6.21 23.40 -22.72
N VAL A 321 -5.22 24.15 -23.18
CA VAL A 321 -4.46 23.76 -24.36
C VAL A 321 -3.16 23.07 -23.94
N PRO A 322 -3.02 21.78 -24.27
CA PRO A 322 -1.90 20.94 -23.81
C PRO A 322 -0.52 21.49 -24.17
N SER A 323 -0.37 22.10 -25.33
CA SER A 323 0.92 22.62 -25.79
C SER A 323 1.43 23.81 -24.95
N ASN A 324 0.57 24.39 -24.11
CA ASN A 324 0.98 25.48 -23.23
C ASN A 324 1.65 24.95 -21.97
N TYR A 325 1.85 23.63 -21.94
CA TYR A 325 2.42 22.97 -20.79
C TYR A 325 3.66 22.16 -21.19
N GLY A 326 4.56 21.97 -20.25
CA GLY A 326 5.58 20.95 -20.38
C GLY A 326 4.91 19.62 -20.08
N TRP A 327 5.45 18.54 -20.60
CA TRP A 327 4.81 17.24 -20.41
C TRP A 327 5.82 16.17 -20.03
N ALA A 328 5.43 15.31 -19.10
CA ALA A 328 6.14 14.05 -18.84
C ALA A 328 5.11 12.91 -18.81
N VAL A 329 5.28 11.93 -19.70
CA VAL A 329 4.31 10.85 -19.81
C VAL A 329 4.99 9.50 -19.58
N HIS A 330 4.41 8.67 -18.72
CA HIS A 330 4.99 7.36 -18.48
C HIS A 330 4.91 6.52 -19.74
N PRO A 331 6.09 6.08 -20.25
CA PRO A 331 6.15 5.29 -21.49
C PRO A 331 5.85 3.82 -21.21
N GLY A 332 4.57 3.48 -21.05
CA GLY A 332 4.21 2.08 -20.84
C GLY A 332 4.78 1.25 -21.97
N GLY A 333 4.76 1.84 -23.16
CA GLY A 333 5.38 1.26 -24.34
C GLY A 333 5.60 2.39 -25.32
N TYR A 334 6.43 2.17 -26.33
CA TYR A 334 6.64 3.18 -27.36
C TYR A 334 5.33 3.67 -27.94
N ALA A 335 4.43 2.74 -28.26
CA ALA A 335 3.12 3.05 -28.84
C ALA A 335 2.25 3.88 -27.89
N VAL A 336 2.47 3.71 -26.60
CA VAL A 336 1.76 4.51 -25.60
C VAL A 336 2.16 5.99 -25.69
N LEU A 337 3.46 6.26 -25.80
CA LEU A 337 3.95 7.64 -25.98
C LEU A 337 3.37 8.30 -27.24
N VAL A 338 3.34 7.55 -28.33
CA VAL A 338 2.85 8.10 -29.59
C VAL A 338 1.36 8.48 -29.50
N ALA A 339 0.56 7.56 -28.98
CA ALA A 339 -0.88 7.79 -28.78
C ALA A 339 -1.15 9.09 -28.03
N ALA A 340 -0.48 9.27 -26.89
CA ALA A 340 -0.65 10.45 -26.07
C ALA A 340 -0.19 11.71 -26.78
N GLN A 341 1.02 11.64 -27.34
CA GLN A 341 1.60 12.69 -28.17
C GLN A 341 0.61 13.16 -29.23
N ASP A 342 0.11 12.23 -30.03
CA ASP A 342 -0.84 12.59 -31.07
C ASP A 342 -2.13 13.21 -30.50
N ALA A 343 -2.74 12.53 -29.53
CA ALA A 343 -4.03 12.96 -28.98
C ALA A 343 -3.96 14.29 -28.24
N LEU A 344 -2.77 14.69 -27.81
CA LEU A 344 -2.60 15.94 -27.08
C LEU A 344 -2.09 17.06 -27.99
N GLY A 345 -1.87 16.73 -29.27
CA GLY A 345 -1.43 17.71 -30.25
C GLY A 345 0.02 18.11 -30.04
N LEU A 346 0.76 17.25 -29.35
CA LEU A 346 2.16 17.55 -29.03
C LEU A 346 3.11 17.05 -30.11
N THR A 347 4.37 17.45 -30.00
CA THR A 347 5.43 16.90 -30.82
C THR A 347 6.24 15.89 -29.99
N ALA A 348 7.02 15.07 -30.66
CA ALA A 348 7.90 14.12 -29.97
C ALA A 348 8.99 14.86 -29.22
N ASP A 349 9.30 16.08 -29.65
CA ASP A 349 10.29 16.87 -28.97
C ASP A 349 9.76 17.36 -27.62
N ASP A 350 8.47 17.63 -27.56
CA ASP A 350 7.81 17.93 -26.29
C ASP A 350 8.02 16.79 -25.30
N LEU A 351 7.92 15.55 -25.79
CA LEU A 351 8.12 14.37 -24.95
C LEU A 351 9.54 13.77 -25.00
N ARG A 352 10.52 14.59 -25.34
CA ARG A 352 11.90 14.11 -25.48
C ARG A 352 12.44 13.39 -24.23
N ALA A 353 12.19 13.94 -23.05
CA ALA A 353 12.72 13.33 -21.81
C ALA A 353 12.03 11.99 -21.51
N SER A 354 10.77 11.85 -21.92
CA SER A 354 10.02 10.60 -21.77
C SER A 354 10.48 9.53 -22.75
N TYR A 355 10.71 9.93 -24.00
CA TYR A 355 11.32 9.04 -25.01
C TYR A 355 12.73 8.61 -24.60
N ASP A 356 13.53 9.57 -24.12
CA ASP A 356 14.88 9.29 -23.64
C ASP A 356 14.90 8.29 -22.49
N ALA A 357 13.97 8.42 -21.55
CA ALA A 357 13.94 7.51 -20.42
C ALA A 357 13.59 6.11 -20.90
N TYR A 358 12.61 6.02 -21.78
CA TYR A 358 12.18 4.75 -22.33
C TYR A 358 13.28 4.06 -23.12
N ARG A 359 14.02 4.86 -23.89
CA ARG A 359 15.05 4.33 -24.78
C ARG A 359 16.25 3.85 -23.98
N ASP A 360 16.57 4.55 -22.88
CA ASP A 360 17.65 4.11 -22.00
C ASP A 360 17.12 3.77 -20.62
N GLY A 361 16.63 2.55 -20.48
CA GLY A 361 16.09 2.09 -19.21
C GLY A 361 14.82 1.26 -19.37
N GLY A 362 14.04 1.58 -20.39
CA GLY A 362 12.81 0.86 -20.67
C GLY A 362 11.66 1.32 -19.80
N ASN A 363 10.70 0.43 -19.60
CA ASN A 363 9.60 0.66 -18.67
C ASN A 363 10.01 0.16 -17.28
N THR A 364 10.32 1.10 -16.40
CA THR A 364 10.75 0.74 -15.05
C THR A 364 9.62 1.03 -14.07
N ILE A 365 8.40 0.94 -14.59
CA ILE A 365 7.16 1.00 -13.79
C ILE A 365 7.04 2.29 -12.97
N SER A 366 6.94 2.19 -11.64
CA SER A 366 6.68 3.37 -10.82
C SER A 366 7.83 4.38 -10.79
N THR A 367 9.04 3.93 -11.07
CA THR A 367 10.21 4.79 -11.01
C THR A 367 10.37 5.67 -12.26
N THR A 368 9.74 5.27 -13.36
CA THR A 368 10.05 5.89 -14.65
C THR A 368 9.72 7.38 -14.70
N ILE A 369 8.63 7.77 -14.06
CA ILE A 369 8.22 9.17 -14.08
C ILE A 369 9.20 10.06 -13.30
N ILE A 370 9.84 9.49 -12.28
CA ILE A 370 10.88 10.19 -11.52
C ILE A 370 12.19 10.33 -12.29
N ARG A 371 12.51 9.30 -13.08
CA ARG A 371 13.63 9.37 -14.02
C ARG A 371 13.43 10.48 -15.06
N ILE A 372 12.20 10.62 -15.55
CA ILE A 372 11.91 11.69 -16.50
C ILE A 372 12.05 13.06 -15.84
N LEU A 373 11.52 13.22 -14.63
CA LEU A 373 11.65 14.48 -13.88
C LEU A 373 13.10 14.83 -13.64
N GLU A 374 13.94 13.81 -13.47
CA GLU A 374 15.35 14.03 -13.28
C GLU A 374 16.02 14.55 -14.56
N LYS A 375 15.66 13.96 -15.70
CA LYS A 375 16.13 14.45 -17.00
C LYS A 375 15.72 15.88 -17.21
N LEU A 376 14.49 16.19 -16.84
CA LEU A 376 13.96 17.54 -17.00
C LEU A 376 14.70 18.53 -16.10
N ARG A 377 14.98 18.12 -14.87
CA ARG A 377 15.75 18.96 -13.97
C ARG A 377 17.15 19.21 -14.53
N ASP A 378 17.80 18.13 -14.98
CA ASP A 378 19.16 18.22 -15.50
C ASP A 378 19.28 19.13 -16.73
N GLU A 379 18.28 19.09 -17.62
CA GLU A 379 18.34 19.90 -18.82
C GLU A 379 18.28 21.37 -18.46
N HIS A 380 17.42 21.69 -17.50
CA HIS A 380 17.21 23.07 -17.07
C HIS A 380 18.46 23.65 -16.40
N LYS A 381 19.17 22.83 -15.64
CA LYS A 381 20.44 23.23 -15.06
C LYS A 381 21.44 23.57 -16.18
N HIS A 382 21.31 22.88 -17.30
CA HIS A 382 22.21 23.09 -18.44
C HIS A 382 21.65 24.04 -19.49
N GLY A 383 20.90 25.04 -19.04
CA GLY A 383 20.44 26.12 -19.89
C GLY A 383 19.21 25.87 -20.73
N SER A 384 18.64 24.67 -20.64
CA SER A 384 17.45 24.36 -21.43
C SER A 384 16.25 25.20 -21.00
N ASN A 385 15.65 25.87 -21.98
CA ASN A 385 14.43 26.63 -21.77
C ASN A 385 13.24 25.70 -21.69
N GLN A 386 12.43 25.87 -20.64
CA GLN A 386 11.27 25.03 -20.43
C GLN A 386 10.08 25.89 -20.03
N LYS A 387 8.86 25.34 -20.17
CA LYS A 387 7.65 26.08 -19.84
C LYS A 387 7.43 26.20 -18.33
N ASP A 388 6.58 27.15 -17.93
CA ASP A 388 6.35 27.43 -16.51
C ASP A 388 5.55 26.35 -15.80
N LYS A 389 4.71 25.65 -16.54
CA LYS A 389 3.87 24.59 -15.99
C LYS A 389 4.23 23.26 -16.64
N LEU A 390 4.26 22.19 -15.84
CA LEU A 390 4.62 20.86 -16.30
C LEU A 390 3.57 19.85 -15.85
N VAL A 391 3.07 19.04 -16.77
CA VAL A 391 2.07 18.05 -16.45
C VAL A 391 2.67 16.64 -16.46
N LEU A 392 2.37 15.87 -15.40
CA LEU A 392 2.76 14.47 -15.32
C LEU A 392 1.54 13.58 -15.53
N ALA A 393 1.70 12.49 -16.26
CA ALA A 393 0.61 11.54 -16.55
C ALA A 393 1.10 10.09 -16.58
N ALA A 394 0.30 9.18 -16.03
CA ALA A 394 0.67 7.76 -16.01
C ALA A 394 -0.56 6.89 -15.85
N PHE A 395 -0.62 5.83 -16.64
CA PHE A 395 -1.70 4.86 -16.49
C PHE A 395 -1.30 3.75 -15.56
N GLY A 396 -2.14 3.52 -14.56
CA GLY A 396 -1.94 2.41 -13.64
C GLY A 396 -3.05 1.39 -13.79
N HIS A 397 -3.05 0.39 -12.91
CA HIS A 397 -4.08 -0.62 -12.89
C HIS A 397 -5.40 -0.01 -12.44
N GLY A 398 -6.49 -0.45 -13.04
CA GLY A 398 -7.79 0.17 -12.80
C GLY A 398 -8.80 -0.15 -13.88
N ILE A 399 -8.68 0.48 -15.06
CA ILE A 399 -7.54 1.34 -15.42
C ILE A 399 -7.62 2.78 -14.86
N THR A 400 -6.56 3.19 -14.17
CA THR A 400 -6.51 4.51 -13.55
C THR A 400 -5.46 5.39 -14.23
N LEU A 401 -5.79 6.65 -14.44
CA LEU A 401 -4.83 7.62 -14.90
C LEU A 401 -4.44 8.53 -13.74
N GLU A 402 -3.18 8.55 -13.38
CA GLU A 402 -2.71 9.49 -12.37
C GLU A 402 -2.16 10.71 -13.08
N THR A 403 -2.52 11.90 -12.63
CA THR A 403 -1.95 13.13 -13.17
C THR A 403 -1.47 14.05 -12.08
N ALA A 404 -0.57 14.96 -12.44
CA ALA A 404 -0.12 16.00 -11.54
C ALA A 404 0.25 17.22 -12.37
N ILE A 405 0.05 18.41 -11.80
CA ILE A 405 0.50 19.65 -12.43
C ILE A 405 1.52 20.36 -11.53
N LEU A 406 2.70 20.61 -12.09
CA LEU A 406 3.83 21.22 -11.40
C LEU A 406 4.13 22.58 -12.04
N THR A 407 4.67 23.50 -11.25
CA THR A 407 4.99 24.84 -11.74
C THR A 407 6.41 25.25 -11.34
N ARG A 408 7.12 25.95 -12.24
CA ARG A 408 8.41 26.54 -11.88
C ARG A 408 8.21 27.62 -10.82
N PRO A 409 9.06 27.62 -9.79
CA PRO A 409 8.91 28.57 -8.67
C PRO A 409 9.10 30.03 -9.10
N GLN B 33 -10.77 23.35 13.51
CA GLN B 33 -11.57 22.33 12.84
C GLN B 33 -10.90 20.95 12.91
N SER B 34 -11.63 19.98 13.43
CA SER B 34 -11.03 18.68 13.68
C SER B 34 -11.53 17.65 12.68
N VAL B 35 -10.73 16.59 12.51
CA VAL B 35 -11.16 15.45 11.72
C VAL B 35 -11.91 14.54 12.67
N SER B 36 -13.06 14.05 12.24
CA SER B 36 -13.88 13.23 13.10
C SER B 36 -14.28 11.92 12.43
N ILE B 37 -14.62 10.94 13.24
CA ILE B 37 -15.20 9.69 12.80
C ILE B 37 -16.71 9.88 12.80
N VAL B 38 -17.36 9.65 11.67
CA VAL B 38 -18.79 9.90 11.51
C VAL B 38 -19.58 8.67 11.05
N GLY B 39 -18.89 7.54 10.87
CA GLY B 39 -19.56 6.32 10.45
C GLY B 39 -18.71 5.11 10.80
N ILE B 40 -19.31 4.07 11.40
CA ILE B 40 -18.59 2.87 11.81
C ILE B 40 -19.45 1.65 11.48
N ALA B 41 -18.83 0.60 10.97
CA ALA B 41 -19.52 -0.67 10.76
C ALA B 41 -18.50 -1.76 10.56
N SER B 42 -18.90 -3.00 10.82
CA SER B 42 -18.00 -4.13 10.64
C SER B 42 -18.80 -5.37 10.31
N ARG B 43 -18.15 -6.37 9.72
CA ARG B 43 -18.86 -7.54 9.23
C ARG B 43 -17.99 -8.79 9.27
N CYS B 44 -18.15 -9.60 10.31
CA CYS B 44 -17.43 -10.85 10.39
C CYS B 44 -17.94 -11.79 9.32
N ALA B 45 -17.13 -12.78 8.95
CA ALA B 45 -17.58 -13.80 8.02
C ALA B 45 -18.71 -14.61 8.69
N PRO B 46 -19.53 -15.32 7.91
CA PRO B 46 -20.71 -15.94 8.52
C PRO B 46 -20.51 -17.28 9.26
N HIS B 47 -19.44 -18.02 8.96
CA HIS B 47 -19.35 -19.40 9.45
C HIS B 47 -18.37 -19.59 10.62
N LYS B 48 -18.90 -20.10 11.73
CA LYS B 48 -18.08 -20.35 12.90
C LYS B 48 -17.00 -21.39 12.65
N LEU B 49 -15.81 -21.12 13.19
CA LEU B 49 -14.68 -22.01 13.10
C LEU B 49 -14.23 -22.25 14.53
N GLY B 50 -15.00 -23.08 15.24
CA GLY B 50 -14.70 -23.42 16.62
C GLY B 50 -13.63 -24.47 16.72
N ALA B 51 -13.22 -24.78 17.94
CA ALA B 51 -12.17 -25.76 18.18
C ALA B 51 -12.52 -27.10 17.53
N ASP B 52 -13.77 -27.52 17.68
CA ASP B 52 -14.26 -28.74 17.04
C ASP B 52 -14.07 -28.73 15.53
N GLU B 53 -14.46 -27.63 14.89
CA GLU B 53 -14.38 -27.52 13.45
C GLU B 53 -12.94 -27.56 12.96
N LEU B 54 -12.06 -26.83 13.63
CA LEU B 54 -10.66 -26.79 13.22
C LEU B 54 -10.03 -28.16 13.37
N GLU B 55 -10.39 -28.85 14.45
CA GLU B 55 -9.89 -30.19 14.71
C GLU B 55 -10.35 -31.17 13.62
N ALA B 56 -11.61 -31.06 13.24
CA ALA B 56 -12.19 -31.89 12.20
C ALA B 56 -11.52 -31.67 10.84
N ILE B 57 -11.15 -30.42 10.57
CA ILE B 57 -10.43 -30.07 9.33
C ILE B 57 -9.02 -30.65 9.37
N ALA B 58 -8.35 -30.42 10.49
CA ALA B 58 -6.98 -30.85 10.64
C ALA B 58 -6.87 -32.37 10.50
N ARG B 59 -7.62 -33.09 11.34
CA ARG B 59 -7.54 -34.55 11.37
C ARG B 59 -8.04 -35.20 10.07
N ARG B 60 -8.92 -34.52 9.35
CA ARG B 60 -9.37 -34.97 8.03
C ARG B 60 -8.19 -35.19 7.06
N HIS B 61 -7.13 -34.40 7.22
CA HIS B 61 -6.09 -34.36 6.20
C HIS B 61 -4.71 -34.77 6.68
N TYR B 62 -4.52 -34.82 7.99
CA TYR B 62 -3.23 -35.16 8.56
C TYR B 62 -3.37 -36.16 9.70
N SER B 63 -2.56 -37.20 9.66
CA SER B 63 -2.48 -38.15 10.76
C SER B 63 -1.72 -37.49 11.92
N SER B 64 -2.07 -37.85 13.14
CA SER B 64 -1.51 -37.23 14.35
C SER B 64 0.00 -37.16 14.34
N THR B 65 0.53 -35.99 14.68
CA THR B 65 1.96 -35.79 14.89
C THR B 65 2.07 -34.93 16.15
N PRO B 66 3.24 -34.88 16.79
CA PRO B 66 3.32 -34.12 18.05
C PRO B 66 3.01 -32.63 17.91
N SER B 67 3.36 -32.05 16.76
CA SER B 67 3.10 -30.65 16.50
C SER B 67 1.61 -30.39 16.29
N LEU B 68 0.96 -31.29 15.57
CA LEU B 68 -0.49 -31.19 15.38
C LEU B 68 -1.21 -31.23 16.72
N GLU B 69 -0.84 -32.20 17.56
CA GLU B 69 -1.47 -32.35 18.88
C GLU B 69 -1.23 -31.13 19.77
N LYS B 70 -0.02 -30.58 19.72
CA LYS B 70 0.29 -29.38 20.47
C LYS B 70 -0.49 -28.15 19.94
N MET B 71 -0.65 -28.05 18.63
CA MET B 71 -1.42 -26.96 18.04
C MET B 71 -2.89 -27.01 18.49
N LEU B 72 -3.48 -28.19 18.43
CA LEU B 72 -4.88 -28.36 18.83
C LEU B 72 -5.11 -28.14 20.31
N GLU B 73 -4.09 -28.45 21.11
CA GLU B 73 -4.13 -28.24 22.56
C GLU B 73 -4.12 -26.75 22.89
N ILE B 74 -3.24 -26.03 22.20
CA ILE B 74 -3.14 -24.58 22.35
C ILE B 74 -4.43 -23.89 21.86
N ASN B 75 -5.06 -24.50 20.86
CA ASN B 75 -6.24 -23.95 20.21
C ASN B 75 -7.45 -23.89 21.11
N ARG B 76 -7.52 -24.79 22.07
CA ARG B 76 -8.62 -24.78 23.04
C ARG B 76 -8.32 -23.90 24.26
N LYS B 77 -7.14 -23.29 24.28
CA LYS B 77 -6.73 -22.46 25.42
C LYS B 77 -6.61 -20.98 25.08
N THR B 78 -6.91 -20.62 23.83
CA THR B 78 -6.73 -19.26 23.33
C THR B 78 -7.68 -18.24 23.96
N ARG B 79 -8.77 -18.74 24.56
CA ARG B 79 -9.83 -17.92 25.15
C ARG B 79 -10.67 -17.16 24.12
N ILE B 80 -10.64 -17.66 22.89
CA ILE B 80 -11.55 -17.25 21.85
C ILE B 80 -12.76 -18.19 21.84
N ASP B 81 -13.94 -17.65 22.09
CA ASP B 81 -15.17 -18.42 21.99
C ASP B 81 -15.54 -18.65 20.54
N HIS B 82 -15.51 -17.57 19.75
CA HIS B 82 -15.93 -17.63 18.35
C HIS B 82 -14.93 -16.99 17.39
N ARG B 83 -14.59 -17.74 16.35
CA ARG B 83 -13.91 -17.21 15.17
C ARG B 83 -14.77 -17.49 13.97
N TYR B 84 -14.61 -16.70 12.91
CA TYR B 84 -15.42 -16.88 11.71
C TYR B 84 -14.60 -17.03 10.45
N SER B 85 -15.10 -17.87 9.55
CA SER B 85 -14.51 -18.07 8.23
C SER B 85 -15.55 -17.82 7.15
N VAL B 86 -15.10 -17.38 5.98
CA VAL B 86 -15.98 -17.22 4.83
C VAL B 86 -16.36 -18.59 4.24
N PHE B 87 -15.71 -19.64 4.72
CA PHE B 87 -15.96 -21.01 4.24
C PHE B 87 -16.74 -21.83 5.24
N SER B 88 -17.92 -22.30 4.83
CA SER B 88 -18.75 -23.17 5.67
C SER B 88 -18.05 -24.51 5.81
N SER B 89 -18.56 -25.35 6.71
CA SER B 89 -17.93 -26.65 7.02
C SER B 89 -17.95 -27.60 5.83
N ASP B 90 -18.93 -27.45 4.95
CA ASP B 90 -19.06 -28.34 3.80
C ASP B 90 -18.36 -27.77 2.57
N HIS B 91 -17.65 -26.66 2.74
CA HIS B 91 -16.97 -26.02 1.62
C HIS B 91 -15.79 -26.84 1.12
N GLU B 92 -15.56 -26.82 -0.20
CA GLU B 92 -14.50 -27.61 -0.82
C GLU B 92 -13.13 -27.19 -0.32
N HIS B 93 -13.03 -25.96 0.17
CA HIS B 93 -11.79 -25.44 0.73
C HIS B 93 -11.31 -26.38 1.84
N TRP B 94 -12.25 -26.90 2.62
CA TRP B 94 -11.92 -27.74 3.76
C TRP B 94 -11.87 -29.23 3.44
N HIS B 95 -12.23 -29.60 2.22
CA HIS B 95 -12.34 -31.02 1.88
C HIS B 95 -11.38 -31.42 0.77
N ARG B 96 -11.04 -30.46 -0.09
CA ARG B 96 -10.16 -30.71 -1.22
C ARG B 96 -8.85 -31.34 -0.75
N PRO B 97 -8.35 -32.34 -1.50
CA PRO B 97 -7.10 -33.02 -1.16
C PRO B 97 -5.85 -32.17 -1.43
N THR B 98 -5.91 -31.25 -2.38
CA THR B 98 -4.74 -30.42 -2.69
C THR B 98 -4.77 -29.08 -1.95
N ILE B 99 -3.60 -28.51 -1.75
CA ILE B 99 -3.49 -27.18 -1.16
C ILE B 99 -3.81 -26.17 -2.25
N PRO B 100 -4.68 -25.20 -1.94
CA PRO B 100 -5.05 -24.18 -2.94
C PRO B 100 -3.80 -23.42 -3.43
N SER B 101 -3.72 -23.15 -4.73
CA SER B 101 -2.61 -22.40 -5.27
C SER B 101 -2.73 -20.92 -4.87
N PHE B 102 -1.73 -20.11 -5.19
CA PHE B 102 -1.78 -18.69 -4.88
C PHE B 102 -2.85 -18.00 -5.72
N SER B 103 -2.93 -18.42 -6.98
CA SER B 103 -3.97 -18.01 -7.90
C SER B 103 -5.37 -18.27 -7.31
N GLU B 104 -5.58 -19.46 -6.77
CA GLU B 104 -6.84 -19.80 -6.14
C GLU B 104 -7.08 -19.01 -4.86
N CYS B 105 -6.02 -18.77 -4.08
CA CYS B 105 -6.14 -17.93 -2.88
C CYS B 105 -6.57 -16.50 -3.23
N ASP B 106 -6.06 -15.98 -4.34
CA ASP B 106 -6.44 -14.66 -4.83
C ASP B 106 -7.91 -14.64 -5.27
N SER B 107 -8.32 -15.66 -6.04
CA SER B 107 -9.71 -15.77 -6.49
C SER B 107 -10.68 -15.86 -5.33
N LEU B 108 -10.33 -16.68 -4.34
CA LEU B 108 -11.12 -16.81 -3.12
C LEU B 108 -11.31 -15.47 -2.41
N PHE B 109 -10.23 -14.70 -2.25
CA PHE B 109 -10.33 -13.36 -1.67
C PHE B 109 -11.27 -12.49 -2.49
N LYS B 110 -11.17 -12.57 -3.81
CA LYS B 110 -12.05 -11.80 -4.67
C LYS B 110 -13.49 -12.25 -4.52
N GLU B 111 -13.69 -13.57 -4.38
CA GLU B 111 -15.03 -14.11 -4.33
C GLU B 111 -15.74 -13.82 -3.01
N TYR B 112 -15.03 -14.01 -1.89
CA TYR B 112 -15.64 -13.90 -0.58
C TYR B 112 -15.24 -12.64 0.19
N GLY B 113 -14.00 -12.19 -0.01
CA GLY B 113 -13.50 -11.05 0.75
C GLY B 113 -14.07 -9.73 0.30
N ILE B 114 -14.02 -9.47 -1.00
CA ILE B 114 -14.52 -8.20 -1.54
C ILE B 114 -16.02 -7.95 -1.24
N PRO B 115 -16.89 -8.96 -1.44
CA PRO B 115 -18.27 -8.73 -0.99
C PRO B 115 -18.40 -8.39 0.50
N LEU B 116 -17.61 -9.05 1.35
CA LEU B 116 -17.54 -8.73 2.79
C LEU B 116 -17.14 -7.26 3.01
N ALA B 117 -16.22 -6.76 2.19
CA ALA B 117 -15.76 -5.37 2.30
C ALA B 117 -16.78 -4.37 1.73
N SER B 118 -17.51 -4.78 0.69
CA SER B 118 -18.56 -3.92 0.16
C SER B 118 -19.67 -3.73 1.18
N ALA B 119 -20.05 -4.82 1.84
CA ALA B 119 -21.13 -4.80 2.81
C ALA B 119 -20.77 -3.93 4.01
N ALA B 120 -19.56 -4.12 4.51
CA ALA B 120 -19.08 -3.33 5.64
C ALA B 120 -18.96 -1.86 5.26
N SER B 121 -18.46 -1.60 4.05
CA SER B 121 -18.28 -0.22 3.57
C SER B 121 -19.63 0.49 3.42
N ALA B 122 -20.59 -0.23 2.85
CA ALA B 122 -21.94 0.29 2.64
C ALA B 122 -22.61 0.58 3.98
N ARG B 123 -22.43 -0.33 4.93
CA ARG B 123 -23.03 -0.16 6.25
C ARG B 123 -22.48 1.07 6.97
N ALA B 124 -21.18 1.35 6.79
CA ALA B 124 -20.55 2.52 7.40
C ALA B 124 -21.00 3.81 6.72
N ILE B 125 -21.17 3.74 5.41
CA ILE B 125 -21.69 4.88 4.64
C ILE B 125 -23.13 5.19 5.08
N GLN B 126 -23.94 4.13 5.23
CA GLN B 126 -25.29 4.25 5.76
C GLN B 126 -25.30 4.83 7.19
N ASP B 127 -24.40 4.37 8.03
CA ASP B 127 -24.25 4.92 9.37
C ASP B 127 -23.87 6.42 9.31
N TRP B 128 -23.01 6.78 8.37
CA TRP B 128 -22.58 8.16 8.22
C TRP B 128 -23.75 9.05 7.82
N GLY B 129 -24.47 8.63 6.78
CA GLY B 129 -25.66 9.33 6.37
C GLY B 129 -25.50 10.04 5.04
N GLY B 130 -24.26 10.28 4.63
CA GLY B 130 -23.98 10.95 3.37
C GLY B 130 -24.15 10.06 2.14
N VAL B 131 -23.82 10.60 0.97
CA VAL B 131 -23.94 9.83 -0.27
C VAL B 131 -22.55 9.48 -0.84
N PRO B 132 -22.42 8.27 -1.43
CA PRO B 132 -21.18 7.76 -2.02
C PRO B 132 -20.47 8.78 -2.90
N ASP B 133 -21.24 9.58 -3.62
CA ASP B 133 -20.71 10.66 -4.48
C ASP B 133 -19.79 11.63 -3.76
N GLU B 134 -19.95 11.75 -2.45
CA GLU B 134 -19.20 12.77 -1.73
C GLU B 134 -18.07 12.24 -0.87
N ILE B 135 -17.80 10.95 -1.00
CA ILE B 135 -16.54 10.38 -0.52
C ILE B 135 -15.42 10.88 -1.43
N THR B 136 -14.48 11.63 -0.86
CA THR B 136 -13.37 12.17 -1.63
C THR B 136 -12.17 11.22 -1.66
N HIS B 137 -12.00 10.46 -0.57
CA HIS B 137 -10.82 9.63 -0.37
C HIS B 137 -11.19 8.20 0.00
N LEU B 138 -10.40 7.25 -0.50
CA LEU B 138 -10.53 5.86 -0.11
C LEU B 138 -9.20 5.32 0.42
N VAL B 139 -9.18 4.89 1.68
CA VAL B 139 -7.99 4.28 2.26
C VAL B 139 -8.30 2.82 2.60
N ALA B 140 -7.66 1.90 1.87
CA ALA B 140 -7.94 0.49 2.02
C ALA B 140 -6.72 -0.22 2.58
N VAL B 141 -6.95 -1.32 3.30
CA VAL B 141 -5.84 -2.09 3.82
C VAL B 141 -6.22 -3.57 3.91
N THR B 142 -5.26 -4.43 3.57
CA THR B 142 -5.38 -5.87 3.71
C THR B 142 -3.97 -6.44 3.73
N CYS B 143 -3.79 -7.57 4.40
CA CYS B 143 -2.52 -8.27 4.33
C CYS B 143 -2.75 -9.72 3.88
N THR B 144 -3.97 -9.99 3.43
CA THR B 144 -4.33 -11.34 3.04
C THR B 144 -4.63 -11.43 1.54
N ASN B 145 -4.17 -10.44 0.79
CA ASN B 145 -4.35 -10.42 -0.66
C ASN B 145 -3.29 -9.51 -1.29
N THR B 146 -2.79 -9.92 -2.45
CA THR B 146 -1.99 -9.03 -3.29
C THR B 146 -2.45 -9.10 -4.76
N ALA B 147 -2.77 -7.94 -5.32
CA ALA B 147 -3.40 -7.90 -6.64
C ALA B 147 -3.20 -6.56 -7.33
N HIS B 148 -3.18 -6.60 -8.66
CA HIS B 148 -3.13 -5.39 -9.49
C HIS B 148 -4.20 -5.45 -10.60
N PRO B 149 -5.25 -4.62 -10.49
CA PRO B 149 -5.46 -3.61 -9.45
C PRO B 149 -5.85 -4.19 -8.09
N GLY B 150 -5.57 -3.44 -7.02
CA GLY B 150 -5.88 -3.91 -5.67
C GLY B 150 -7.39 -3.98 -5.48
N PHE B 151 -7.83 -4.48 -4.34
CA PHE B 151 -9.27 -4.65 -4.12
C PHE B 151 -10.02 -3.31 -3.97
N ASP B 152 -9.30 -2.26 -3.57
CA ASP B 152 -9.89 -0.92 -3.53
C ASP B 152 -10.49 -0.49 -4.87
N SER B 153 -9.88 -0.92 -5.97
CA SER B 153 -10.36 -0.59 -7.31
C SER B 153 -11.75 -1.19 -7.58
N VAL B 154 -11.90 -2.47 -7.26
CA VAL B 154 -13.16 -3.17 -7.42
C VAL B 154 -14.22 -2.51 -6.55
N LEU B 155 -13.82 -2.17 -5.32
CA LEU B 155 -14.68 -1.56 -4.32
C LEU B 155 -15.32 -0.26 -4.81
N CYS B 156 -14.54 0.56 -5.52
CA CYS B 156 -15.03 1.81 -6.10
C CYS B 156 -16.22 1.58 -7.02
N ARG B 157 -16.14 0.53 -7.84
CA ARG B 157 -17.22 0.21 -8.75
C ARG B 157 -18.42 -0.32 -7.97
N LYS B 158 -18.18 -1.25 -7.06
CA LYS B 158 -19.27 -1.84 -6.27
C LYS B 158 -20.06 -0.78 -5.50
N LEU B 159 -19.36 0.19 -4.92
CA LEU B 159 -20.00 1.21 -4.10
C LEU B 159 -20.48 2.44 -4.88
N GLY B 160 -20.15 2.52 -6.16
CA GLY B 160 -20.57 3.65 -6.98
C GLY B 160 -19.88 4.95 -6.63
N LEU B 161 -18.62 4.87 -6.22
CA LEU B 161 -17.83 6.04 -5.90
C LEU B 161 -17.47 6.83 -7.18
N LYS B 162 -17.18 8.12 -7.03
CA LYS B 162 -16.88 8.99 -8.16
C LYS B 162 -15.58 8.55 -8.86
N CYS B 163 -15.51 8.83 -10.16
CA CYS B 163 -14.40 8.35 -10.99
C CYS B 163 -13.06 8.95 -10.58
N ASN B 164 -13.10 10.11 -9.92
CA ASN B 164 -11.88 10.74 -9.43
C ASN B 164 -11.70 10.65 -7.92
N VAL B 165 -12.26 9.60 -7.30
CA VAL B 165 -12.04 9.33 -5.88
C VAL B 165 -10.55 9.02 -5.65
N ARG B 166 -10.01 9.45 -4.52
CA ARG B 166 -8.55 9.40 -4.32
C ARG B 166 -8.16 8.22 -3.47
N ARG B 167 -7.64 7.18 -4.08
CA ARG B 167 -7.44 5.96 -3.32
C ARG B 167 -6.02 5.63 -2.91
N VAL B 168 -5.94 4.90 -1.80
CA VAL B 168 -4.69 4.47 -1.23
C VAL B 168 -4.89 3.03 -0.80
N LEU B 169 -4.00 2.14 -1.20
CA LEU B 169 -4.06 0.78 -0.70
C LEU B 169 -2.78 0.48 0.09
N LEU B 170 -2.92 0.42 1.42
CA LEU B 170 -1.80 0.18 2.31
C LEU B 170 -1.37 -1.28 2.24
N HIS B 171 -0.08 -1.52 2.43
CA HIS B 171 0.49 -2.85 2.37
C HIS B 171 1.57 -2.93 3.44
N GLY B 172 1.92 -4.16 3.83
CA GLY B 172 3.10 -4.42 4.62
C GLY B 172 3.04 -4.20 6.12
N ILE B 173 1.87 -3.85 6.64
CA ILE B 173 1.74 -3.43 8.04
C ILE B 173 1.00 -4.44 8.96
N GLY B 174 0.16 -5.29 8.38
CA GLY B 174 -0.47 -6.35 9.16
C GLY B 174 -1.51 -5.88 10.17
N CYS B 175 -1.38 -6.35 11.42
CA CYS B 175 -2.36 -6.02 12.47
C CYS B 175 -2.37 -4.53 12.85
N GLY B 176 -1.32 -3.81 12.48
CA GLY B 176 -1.28 -2.37 12.72
C GLY B 176 -2.03 -1.58 11.66
N GLY B 177 -2.54 -2.26 10.64
CA GLY B 177 -3.15 -1.61 9.49
C GLY B 177 -4.38 -0.76 9.71
N GLY B 178 -5.28 -1.17 10.61
CA GLY B 178 -6.46 -0.37 10.92
C GLY B 178 -6.15 1.05 11.40
N ILE B 179 -5.30 1.16 12.42
CA ILE B 179 -4.88 2.46 12.94
C ILE B 179 -3.98 3.20 11.94
N SER B 180 -3.14 2.44 11.23
CA SER B 180 -2.34 2.98 10.13
C SER B 180 -3.20 3.70 9.08
N ALA B 181 -4.30 3.06 8.65
CA ALA B 181 -5.25 3.69 7.74
C ALA B 181 -5.87 4.96 8.36
N MET B 182 -6.19 4.90 9.66
CA MET B 182 -6.69 6.09 10.36
C MET B 182 -5.68 7.24 10.32
N ARG B 183 -4.42 6.92 10.61
CA ARG B 183 -3.36 7.91 10.61
C ARG B 183 -3.27 8.63 9.27
N VAL B 184 -3.21 7.85 8.20
CA VAL B 184 -3.14 8.37 6.84
C VAL B 184 -4.39 9.19 6.48
N ALA B 185 -5.57 8.62 6.66
CA ALA B 185 -6.80 9.34 6.34
C ALA B 185 -6.89 10.66 7.10
N HIS B 186 -6.46 10.65 8.36
CA HIS B 186 -6.49 11.83 9.21
C HIS B 186 -5.68 12.96 8.57
N GLU B 187 -4.45 12.65 8.18
CA GLU B 187 -3.55 13.65 7.62
C GLU B 187 -3.97 14.11 6.23
N LEU B 188 -4.49 13.18 5.43
CA LEU B 188 -5.04 13.52 4.11
C LEU B 188 -6.20 14.50 4.26
N LEU B 189 -7.03 14.28 5.27
CA LEU B 189 -8.19 15.14 5.48
C LEU B 189 -7.78 16.52 6.01
N LEU B 190 -6.71 16.57 6.80
CA LEU B 190 -6.12 17.87 7.17
C LEU B 190 -5.56 18.58 5.96
N GLY B 191 -5.15 17.83 4.95
CA GLY B 191 -4.65 18.42 3.73
C GLY B 191 -5.73 19.17 2.97
N SER B 192 -6.94 18.62 3.03
CA SER B 192 -8.09 19.28 2.41
C SER B 192 -8.55 20.47 3.24
N THR B 193 -8.56 20.33 4.57
CA THR B 193 -8.87 21.48 5.43
C THR B 193 -7.95 22.66 5.08
N GLN B 194 -6.67 22.38 4.90
CA GLN B 194 -5.71 23.38 4.46
C GLN B 194 -6.16 24.10 3.18
N GLN B 195 -6.72 23.34 2.22
CA GLN B 195 -7.19 23.90 0.95
C GLN B 195 -8.61 24.45 1.10
N GLY B 196 -9.22 24.22 2.25
CA GLY B 196 -10.55 24.71 2.55
C GLY B 196 -11.67 23.98 1.84
N VAL B 197 -11.46 22.71 1.50
CA VAL B 197 -12.44 21.96 0.73
C VAL B 197 -13.00 20.78 1.52
N PRO B 198 -14.24 20.38 1.22
CA PRO B 198 -14.79 19.20 1.89
C PRO B 198 -13.93 17.94 1.64
N ALA B 199 -13.81 17.11 2.67
CA ALA B 199 -13.23 15.78 2.51
C ALA B 199 -13.99 14.77 3.37
N ARG B 200 -14.30 13.64 2.76
CA ARG B 200 -14.89 12.51 3.47
C ARG B 200 -14.06 11.30 3.06
N ALA B 201 -13.42 10.66 4.02
CA ALA B 201 -12.62 9.48 3.73
C ALA B 201 -13.38 8.22 4.10
N LEU B 202 -13.38 7.26 3.18
CA LEU B 202 -13.83 5.91 3.52
C LEU B 202 -12.59 5.08 3.83
N ILE B 203 -12.53 4.53 5.03
CA ILE B 203 -11.47 3.62 5.39
C ILE B 203 -12.06 2.24 5.34
N VAL B 204 -11.42 1.32 4.61
CA VAL B 204 -11.90 -0.06 4.55
C VAL B 204 -10.77 -1.06 4.78
N ALA B 205 -10.96 -1.94 5.76
CA ALA B 205 -10.02 -3.02 6.03
C ALA B 205 -10.74 -4.32 5.72
N CYS B 206 -10.05 -5.22 5.03
CA CYS B 206 -10.65 -6.50 4.66
C CYS B 206 -9.62 -7.59 4.87
N GLU B 207 -9.92 -8.54 5.73
CA GLU B 207 -8.97 -9.62 5.95
C GLU B 207 -9.65 -10.99 5.82
N VAL B 208 -9.07 -11.86 4.99
CA VAL B 208 -9.56 -13.22 4.92
C VAL B 208 -8.42 -14.23 5.15
N PRO B 209 -7.86 -14.26 6.36
CA PRO B 209 -6.73 -15.18 6.61
C PRO B 209 -7.06 -16.67 6.48
N THR B 210 -8.31 -17.07 6.66
CA THR B 210 -8.63 -18.51 6.59
C THR B 210 -8.43 -19.06 5.17
N VAL B 211 -8.27 -18.17 4.20
CA VAL B 211 -7.89 -18.60 2.86
C VAL B 211 -6.60 -19.42 2.91
N PHE B 212 -5.69 -18.99 3.80
CA PHE B 212 -4.36 -19.60 3.89
C PHE B 212 -4.26 -20.72 4.93
N ALA B 213 -5.40 -21.14 5.47
CA ALA B 213 -5.42 -22.15 6.52
C ALA B 213 -4.91 -23.50 6.04
N ARG B 214 -5.28 -23.87 4.81
CA ARG B 214 -4.82 -25.13 4.23
C ARG B 214 -3.30 -25.16 4.04
N SER B 215 -2.74 -24.04 3.57
CA SER B 215 -1.29 -23.94 3.41
C SER B 215 -0.53 -23.98 4.74
N GLU B 216 -1.05 -23.29 5.75
CA GLU B 216 -0.38 -23.24 7.05
C GLU B 216 -0.35 -24.62 7.72
N LEU B 217 -1.45 -25.36 7.60
CA LEU B 217 -1.55 -26.71 8.14
C LEU B 217 -0.55 -27.64 7.48
N ASP B 218 -0.35 -27.46 6.19
CA ASP B 218 0.58 -28.29 5.46
C ASP B 218 2.02 -28.00 5.90
N ILE B 219 2.33 -26.70 6.00
CA ILE B 219 3.67 -26.28 6.42
C ILE B 219 3.96 -26.74 7.85
N MET B 220 2.95 -26.71 8.71
CA MET B 220 3.14 -27.18 10.08
C MET B 220 3.31 -28.70 10.14
N ASP B 221 2.64 -29.42 9.25
CA ASP B 221 2.78 -30.87 9.18
C ASP B 221 4.21 -31.25 8.80
N LYS B 222 4.68 -30.68 7.70
CA LYS B 222 5.99 -30.99 7.14
C LYS B 222 7.14 -30.58 8.03
N THR B 223 7.09 -29.36 8.57
CA THR B 223 8.20 -28.84 9.35
C THR B 223 8.11 -29.24 10.81
N GLN B 224 6.92 -29.61 11.26
CA GLN B 224 6.67 -29.90 12.67
C GLN B 224 6.86 -28.69 13.57
N ASP B 225 6.83 -27.50 12.98
CA ASP B 225 6.88 -26.26 13.73
C ASP B 225 5.46 -25.82 14.06
N VAL B 226 5.16 -25.76 15.34
CA VAL B 226 3.83 -25.36 15.80
C VAL B 226 3.53 -23.95 15.32
N ASN B 227 2.40 -23.79 14.63
CA ASN B 227 2.01 -22.50 14.09
C ASN B 227 0.74 -22.04 14.78
N VAL B 228 0.91 -21.19 15.79
CA VAL B 228 -0.20 -20.73 16.60
C VAL B 228 -1.16 -19.83 15.82
N ALA B 229 -0.72 -19.34 14.67
CA ALA B 229 -1.59 -18.52 13.81
C ALA B 229 -2.83 -19.30 13.40
N MET B 230 -2.71 -20.63 13.37
CA MET B 230 -3.83 -21.54 13.15
C MET B 230 -4.97 -21.33 14.14
N CYS B 231 -4.65 -20.89 15.34
CA CYS B 231 -5.64 -20.80 16.42
C CYS B 231 -6.22 -19.41 16.63
N LEU B 232 -5.54 -18.39 16.12
CA LEU B 232 -5.83 -17.00 16.46
C LEU B 232 -6.73 -16.23 15.48
N PHE B 233 -6.60 -16.51 14.19
CA PHE B 233 -7.07 -15.61 13.14
C PHE B 233 -8.45 -15.94 12.56
N GLY B 234 -9.23 -14.90 12.26
CA GLY B 234 -10.52 -15.06 11.63
C GLY B 234 -10.76 -14.03 10.55
N ASP B 235 -11.82 -14.25 9.75
CA ASP B 235 -12.14 -13.39 8.63
C ASP B 235 -13.11 -12.31 9.02
N CYS B 236 -12.93 -11.12 8.43
CA CYS B 236 -13.72 -9.94 8.77
C CYS B 236 -13.46 -8.79 7.80
N ALA B 237 -14.45 -7.92 7.63
CA ALA B 237 -14.22 -6.62 7.01
C ALA B 237 -14.84 -5.56 7.91
N ALA B 238 -14.29 -4.35 7.85
CA ALA B 238 -14.75 -3.27 8.71
C ALA B 238 -14.43 -1.93 8.06
N ALA B 239 -15.23 -0.91 8.35
CA ALA B 239 -15.08 0.36 7.67
C ALA B 239 -15.36 1.53 8.60
N LEU B 240 -14.72 2.67 8.31
CA LEU B 240 -15.00 3.93 9.00
C LEU B 240 -15.22 4.99 7.96
N VAL B 241 -16.04 5.99 8.28
CA VAL B 241 -16.07 7.21 7.47
C VAL B 241 -15.55 8.36 8.31
N LEU B 242 -14.60 9.11 7.77
CA LEU B 242 -14.06 10.26 8.48
C LEU B 242 -14.47 11.52 7.73
N SER B 243 -14.49 12.64 8.42
CA SER B 243 -14.84 13.90 7.79
C SER B 243 -13.94 15.03 8.31
N ASN B 244 -13.56 15.96 7.44
CA ASN B 244 -12.79 17.12 7.88
C ASN B 244 -13.70 18.26 8.37
N GLY B 245 -15.00 18.03 8.35
CA GLY B 245 -15.94 18.98 8.92
C GLY B 245 -16.42 20.09 8.00
N ILE B 246 -15.78 20.23 6.85
CA ILE B 246 -16.12 21.32 5.95
C ILE B 246 -17.25 20.90 5.03
N GLY B 247 -18.22 21.79 4.84
CA GLY B 247 -19.38 21.51 4.01
C GLY B 247 -20.32 20.49 4.63
N HIS B 248 -20.41 20.47 5.96
CA HIS B 248 -21.28 19.52 6.66
C HIS B 248 -22.72 19.64 6.17
N LYS B 249 -23.29 18.50 5.78
CA LYS B 249 -24.70 18.46 5.39
C LYS B 249 -25.57 17.88 6.51
N ALA B 250 -26.85 18.23 6.49
CA ALA B 250 -27.78 17.84 7.53
C ALA B 250 -27.97 16.33 7.63
N SER B 251 -27.81 15.63 6.51
CA SER B 251 -28.01 14.18 6.48
C SER B 251 -26.85 13.42 7.15
N GLU B 252 -25.77 14.12 7.43
CA GLU B 252 -24.56 13.47 7.94
C GLU B 252 -24.60 13.36 9.45
N GLN B 253 -24.10 12.25 9.98
CA GLN B 253 -24.04 12.10 11.43
C GLN B 253 -23.01 13.07 12.00
N ARG B 254 -23.31 13.61 13.18
CA ARG B 254 -22.36 14.47 13.87
C ARG B 254 -21.19 13.60 14.32
N PRO B 255 -20.04 14.23 14.61
CA PRO B 255 -18.86 13.48 15.06
C PRO B 255 -19.12 12.51 16.21
N ILE B 256 -18.61 11.30 16.06
CA ILE B 256 -18.65 10.31 17.14
C ILE B 256 -17.43 10.51 18.04
N TRP B 257 -16.24 10.56 17.44
CA TRP B 257 -15.01 11.01 18.10
C TRP B 257 -14.30 11.98 17.17
N ASN B 258 -13.50 12.87 17.75
CA ASN B 258 -12.55 13.64 16.98
C ASN B 258 -11.21 12.96 17.09
N ILE B 259 -10.46 12.90 15.99
CA ILE B 259 -9.13 12.33 16.02
C ILE B 259 -8.17 13.48 16.29
N LEU B 260 -7.51 13.44 17.43
CA LEU B 260 -6.64 14.53 17.85
C LEU B 260 -5.21 14.38 17.31
N ASN B 261 -4.70 13.15 17.35
CA ASN B 261 -3.32 12.88 16.96
C ASN B 261 -3.11 11.40 16.72
N CYS B 262 -2.23 11.06 15.77
CA CYS B 262 -1.78 9.68 15.58
C CYS B 262 -0.25 9.66 15.55
N GLU B 263 0.35 8.64 16.15
CA GLU B 263 1.81 8.58 16.30
C GLU B 263 2.36 7.16 16.20
N PRO B 264 3.10 6.84 15.11
CA PRO B 264 3.75 5.53 14.98
C PRO B 264 5.13 5.48 15.63
N THR B 265 5.58 4.28 16.00
CA THR B 265 6.95 4.07 16.48
C THR B 265 7.45 2.73 15.95
N GLN B 266 8.60 2.75 15.27
CA GLN B 266 9.29 1.50 14.94
C GLN B 266 10.39 1.24 15.97
N PHE B 267 10.40 0.05 16.54
CA PHE B 267 11.34 -0.30 17.60
C PHE B 267 12.56 -1.05 17.09
N ASP B 268 13.72 -0.69 17.63
CA ASP B 268 14.99 -1.23 17.19
C ASP B 268 15.12 -2.72 17.50
N GLY B 269 15.76 -3.45 16.59
CA GLY B 269 16.11 -4.85 16.80
C GLY B 269 14.92 -5.78 16.99
N THR B 270 13.86 -5.55 16.21
CA THR B 270 12.63 -6.34 16.34
C THR B 270 12.12 -6.89 15.01
N GLU B 271 12.87 -6.68 13.94
CA GLU B 271 12.43 -7.08 12.60
C GLU B 271 12.12 -8.58 12.49
N ASP B 272 12.92 -9.40 13.16
CA ASP B 272 12.81 -10.85 13.06
C ASP B 272 11.82 -11.46 14.07
N ILE B 273 10.84 -10.66 14.47
CA ILE B 273 9.84 -11.14 15.41
C ILE B 273 8.65 -11.75 14.66
N ALA B 274 7.82 -10.90 14.09
CA ALA B 274 6.62 -11.34 13.40
C ALA B 274 6.76 -11.06 11.91
N HIS B 275 6.67 -12.12 11.11
CA HIS B 275 6.75 -11.99 9.67
C HIS B 275 5.54 -12.67 9.04
N PHE B 276 5.07 -12.12 7.92
CA PHE B 276 4.02 -12.76 7.11
C PHE B 276 4.61 -12.91 5.72
N ASN B 277 5.29 -14.04 5.50
CA ASN B 277 6.18 -14.23 4.35
C ASN B 277 5.53 -14.91 3.15
N VAL B 278 5.71 -14.32 1.98
CA VAL B 278 5.17 -14.87 0.76
C VAL B 278 5.88 -16.17 0.39
N HIS B 279 5.11 -17.12 -0.14
CA HIS B 279 5.67 -18.35 -0.71
C HIS B 279 4.75 -18.81 -1.84
N ASP B 280 4.96 -20.02 -2.34
CA ASP B 280 4.24 -20.47 -3.54
C ASP B 280 2.72 -20.61 -3.36
N LYS B 281 2.30 -21.12 -2.21
CA LYS B 281 0.87 -21.31 -1.95
C LYS B 281 0.26 -20.19 -1.12
N GLY B 282 0.88 -19.01 -1.12
CA GLY B 282 0.32 -17.87 -0.41
C GLY B 282 1.25 -17.22 0.60
N TYR B 283 0.72 -16.90 1.78
CA TYR B 283 1.50 -16.26 2.83
C TYR B 283 1.63 -17.17 4.04
N HIS B 284 2.82 -17.20 4.64
CA HIS B 284 3.06 -17.96 5.87
C HIS B 284 3.38 -17.07 7.08
N ALA B 285 2.73 -17.36 8.20
CA ALA B 285 2.90 -16.58 9.43
C ALA B 285 3.99 -17.14 10.35
N ILE B 286 4.78 -16.23 10.92
CA ILE B 286 5.74 -16.58 11.95
C ILE B 286 5.48 -15.73 13.19
N ILE B 287 4.86 -16.34 14.20
CA ILE B 287 4.53 -15.63 15.43
C ILE B 287 5.54 -15.99 16.50
N ASP B 288 6.37 -15.02 16.88
CA ASP B 288 7.39 -15.25 17.89
C ASP B 288 6.77 -15.31 19.29
N LYS B 289 7.30 -16.19 20.15
CA LYS B 289 6.80 -16.35 21.50
C LYS B 289 7.01 -15.13 22.40
N ARG B 290 7.97 -14.29 22.05
CA ARG B 290 8.35 -13.14 22.87
C ARG B 290 7.47 -11.93 22.60
N ILE B 291 6.45 -12.12 21.78
CA ILE B 291 5.52 -11.03 21.47
C ILE B 291 4.87 -10.36 22.69
N PRO B 292 4.34 -11.15 23.66
CA PRO B 292 3.74 -10.48 24.83
C PRO B 292 4.73 -9.71 25.71
N GLN B 293 5.94 -10.21 25.90
CA GLN B 293 6.96 -9.47 26.66
C GLN B 293 7.25 -8.14 25.95
N LEU B 294 7.47 -8.22 24.65
CA LEU B 294 7.75 -7.03 23.83
C LEU B 294 6.64 -5.99 23.99
N THR B 295 5.39 -6.46 23.95
CA THR B 295 4.22 -5.62 24.14
C THR B 295 4.26 -4.84 25.47
N GLY B 296 4.65 -5.52 26.54
CA GLY B 296 4.71 -4.89 27.83
C GLY B 296 5.76 -3.79 27.86
N LYS B 297 6.90 -4.07 27.22
CA LYS B 297 7.98 -3.09 27.15
C LYS B 297 7.61 -1.85 26.33
N CYS B 298 6.97 -2.07 25.18
CA CYS B 298 6.83 -1.04 24.16
C CYS B 298 5.60 -0.13 24.22
N VAL B 299 4.45 -0.68 24.58
CA VAL B 299 3.22 0.10 24.70
C VAL B 299 3.33 1.33 25.62
N PRO B 300 3.92 1.17 26.82
CA PRO B 300 4.05 2.39 27.64
C PRO B 300 4.95 3.44 26.97
N ALA B 301 5.98 2.99 26.24
CA ALA B 301 6.85 3.91 25.51
C ALA B 301 6.05 4.61 24.41
N GLY B 302 5.31 3.84 23.64
CA GLY B 302 4.47 4.39 22.58
C GLY B 302 3.48 5.41 23.11
N PHE B 303 2.86 5.07 24.24
CA PHE B 303 1.89 5.96 24.86
C PHE B 303 2.52 7.30 25.23
N GLN B 304 3.64 7.25 25.96
CA GLN B 304 4.33 8.47 26.38
C GLN B 304 4.68 9.30 25.17
N SER B 305 5.23 8.62 24.17
CA SER B 305 5.63 9.25 22.92
C SER B 305 4.46 9.94 22.25
N LEU B 306 3.30 9.30 22.27
CA LEU B 306 2.11 9.87 21.66
C LEU B 306 1.66 11.12 22.37
N ILE B 307 1.72 11.12 23.70
CA ILE B 307 1.27 12.26 24.48
C ILE B 307 2.23 13.44 24.33
N SER B 308 3.51 13.14 24.26
CA SER B 308 4.57 14.14 24.12
C SER B 308 4.50 14.90 22.80
N SER B 309 3.95 14.24 21.78
CA SER B 309 3.80 14.85 20.45
C SER B 309 2.42 15.44 20.24
N THR B 310 1.62 15.49 21.30
CA THR B 310 0.30 16.09 21.22
C THR B 310 0.33 17.40 21.99
N PRO B 311 0.52 18.52 21.27
CA PRO B 311 0.76 19.84 21.87
C PRO B 311 -0.25 20.25 22.93
N SER B 312 -1.52 19.85 22.78
CA SER B 312 -2.54 20.24 23.77
C SER B 312 -2.61 19.29 24.97
N LEU B 313 -1.65 18.38 25.07
CA LEU B 313 -1.61 17.42 26.19
C LEU B 313 -0.21 17.27 26.77
N ALA B 314 0.81 17.53 25.95
CA ALA B 314 2.20 17.24 26.28
C ALA B 314 2.72 17.91 27.56
N LEU B 315 2.07 18.99 27.99
CA LEU B 315 2.57 19.78 29.12
C LEU B 315 2.18 19.21 30.48
N GLU B 316 0.92 18.81 30.61
CA GLU B 316 0.38 18.38 31.91
C GLU B 316 0.72 16.93 32.26
N GLU B 317 1.07 16.71 33.53
CA GLU B 317 1.58 15.43 33.98
C GLU B 317 0.46 14.39 34.11
N LYS B 318 -0.76 14.84 34.35
CA LYS B 318 -1.89 13.93 34.48
C LYS B 318 -2.23 13.24 33.16
N ASN B 319 -1.88 13.89 32.05
CA ASN B 319 -2.13 13.37 30.72
C ASN B 319 -1.22 12.18 30.39
N TYR B 320 -0.28 11.89 31.28
CA TYR B 320 0.67 10.83 31.05
C TYR B 320 0.30 9.59 31.86
N VAL B 321 -0.86 9.64 32.51
CA VAL B 321 -1.37 8.48 33.25
C VAL B 321 -2.37 7.72 32.37
N PRO B 322 -2.04 6.48 31.99
CA PRO B 322 -2.89 5.67 31.09
C PRO B 322 -4.32 5.54 31.59
N SER B 323 -4.50 5.36 32.89
CA SER B 323 -5.83 5.17 33.48
C SER B 323 -6.72 6.40 33.33
N ASN B 324 -6.14 7.53 32.98
CA ASN B 324 -6.94 8.71 32.73
C ASN B 324 -7.54 8.71 31.32
N TYR B 325 -7.37 7.59 30.61
CA TYR B 325 -7.86 7.48 29.25
C TYR B 325 -8.70 6.22 29.09
N GLY B 326 -9.61 6.24 28.13
CA GLY B 326 -10.20 5.01 27.62
C GLY B 326 -9.18 4.31 26.73
N TRP B 327 -9.35 3.01 26.51
CA TRP B 327 -8.34 2.24 25.79
C TRP B 327 -8.96 1.22 24.88
N ALA B 328 -8.45 1.16 23.65
CA ALA B 328 -8.76 0.09 22.72
C ALA B 328 -7.42 -0.46 22.25
N VAL B 329 -7.19 -1.75 22.44
CA VAL B 329 -5.89 -2.33 22.11
C VAL B 329 -6.09 -3.54 21.21
N HIS B 330 -5.34 -3.62 20.12
CA HIS B 330 -5.46 -4.75 19.21
C HIS B 330 -5.07 -6.06 19.91
N PRO B 331 -6.01 -7.01 19.98
CA PRO B 331 -5.73 -8.31 20.61
C PRO B 331 -4.97 -9.26 19.69
N GLY B 332 -3.65 -9.08 19.60
CA GLY B 332 -2.81 -9.97 18.83
C GLY B 332 -3.00 -11.38 19.34
N GLY B 333 -3.16 -11.50 20.65
CA GLY B 333 -3.53 -12.75 21.28
C GLY B 333 -4.02 -12.40 22.67
N TYR B 334 -4.51 -13.39 23.39
CA TYR B 334 -4.95 -13.16 24.75
C TYR B 334 -3.81 -12.59 25.62
N ALA B 335 -2.62 -13.18 25.49
CA ALA B 335 -1.48 -12.78 26.31
C ALA B 335 -1.04 -11.33 26.03
N VAL B 336 -1.25 -10.86 24.80
CA VAL B 336 -0.93 -9.48 24.43
C VAL B 336 -1.82 -8.45 25.14
N LEU B 337 -3.10 -8.76 25.24
CA LEU B 337 -4.00 -7.91 26.03
C LEU B 337 -3.56 -7.82 27.49
N VAL B 338 -3.21 -8.96 28.08
CA VAL B 338 -2.84 -8.98 29.48
C VAL B 338 -1.57 -8.18 29.71
N ALA B 339 -0.55 -8.40 28.87
CA ALA B 339 0.72 -7.71 29.00
C ALA B 339 0.55 -6.19 28.95
N ALA B 340 -0.27 -5.71 28.04
CA ALA B 340 -0.54 -4.28 27.90
C ALA B 340 -1.35 -3.72 29.07
N GLN B 341 -2.41 -4.44 29.44
CA GLN B 341 -3.21 -4.13 30.61
C GLN B 341 -2.34 -3.95 31.87
N ASP B 342 -1.49 -4.95 32.12
CA ASP B 342 -0.60 -4.89 33.27
C ASP B 342 0.39 -3.74 33.15
N ALA B 343 1.05 -3.61 32.00
CA ALA B 343 2.10 -2.60 31.81
C ALA B 343 1.56 -1.18 31.91
N LEU B 344 0.29 -1.00 31.55
CA LEU B 344 -0.35 0.30 31.56
C LEU B 344 -1.07 0.59 32.88
N GLY B 345 -1.18 -0.41 33.75
CA GLY B 345 -1.82 -0.21 35.04
C GLY B 345 -3.33 -0.24 34.96
N LEU B 346 -3.84 -0.76 33.85
CA LEU B 346 -5.27 -0.85 33.65
C LEU B 346 -5.83 -2.13 34.26
N THR B 347 -7.17 -2.21 34.29
CA THR B 347 -7.89 -3.39 34.70
C THR B 347 -8.42 -4.03 33.43
N ALA B 348 -8.87 -5.28 33.50
CA ALA B 348 -9.41 -5.95 32.32
C ALA B 348 -10.72 -5.32 31.85
N ASP B 349 -11.38 -4.62 32.77
CA ASP B 349 -12.66 -3.99 32.47
C ASP B 349 -12.47 -2.73 31.62
N ASP B 350 -11.38 -2.00 31.87
CA ASP B 350 -10.95 -0.91 31.00
C ASP B 350 -10.85 -1.39 29.54
N LEU B 351 -10.35 -2.62 29.38
CA LEU B 351 -10.18 -3.25 28.06
C LEU B 351 -11.30 -4.22 27.72
N ARG B 352 -12.48 -3.99 28.26
CA ARG B 352 -13.59 -4.92 28.06
C ARG B 352 -13.98 -5.09 26.58
N ALA B 353 -14.02 -3.99 25.83
CA ALA B 353 -14.42 -4.08 24.43
C ALA B 353 -13.37 -4.83 23.60
N SER B 354 -12.11 -4.75 24.01
CA SER B 354 -11.03 -5.42 23.30
C SER B 354 -11.02 -6.91 23.58
N TYR B 355 -11.28 -7.28 24.83
CA TYR B 355 -11.46 -8.68 25.17
C TYR B 355 -12.67 -9.26 24.47
N ASP B 356 -13.78 -8.52 24.47
CA ASP B 356 -15.02 -8.99 23.82
C ASP B 356 -14.81 -9.26 22.33
N ALA B 357 -14.10 -8.36 21.66
CA ALA B 357 -13.89 -8.50 20.22
C ALA B 357 -13.04 -9.73 19.96
N TYR B 358 -11.99 -9.90 20.75
CA TYR B 358 -11.14 -11.06 20.63
C TYR B 358 -11.89 -12.36 20.94
N ARG B 359 -12.70 -12.35 21.99
CA ARG B 359 -13.46 -13.52 22.39
C ARG B 359 -14.51 -13.93 21.33
N ASP B 360 -15.11 -12.94 20.69
CA ASP B 360 -16.08 -13.21 19.64
C ASP B 360 -15.60 -12.64 18.32
N GLY B 361 -14.73 -13.36 17.63
CA GLY B 361 -14.23 -12.93 16.34
C GLY B 361 -12.76 -13.29 16.09
N GLY B 362 -12.01 -13.42 17.16
CA GLY B 362 -10.60 -13.77 17.06
C GLY B 362 -9.70 -12.58 16.80
N ASN B 363 -8.53 -12.86 16.23
CA ASN B 363 -7.65 -11.82 15.69
C ASN B 363 -8.04 -11.62 14.23
N THR B 364 -8.73 -10.52 13.93
CA THR B 364 -9.16 -10.25 12.57
C THR B 364 -8.26 -9.18 11.93
N ILE B 365 -7.01 -9.16 12.39
CA ILE B 365 -5.94 -8.34 11.86
C ILE B 365 -6.31 -6.85 11.79
N SER B 366 -6.28 -6.24 10.61
CA SER B 366 -6.48 -4.79 10.51
C SER B 366 -7.89 -4.34 10.86
N THR B 367 -8.85 -5.27 10.83
CA THR B 367 -10.24 -4.93 11.10
C THR B 367 -10.61 -4.90 12.59
N THR B 368 -9.77 -5.49 13.44
CA THR B 368 -10.17 -5.71 14.83
C THR B 368 -10.38 -4.41 15.59
N ILE B 369 -9.47 -3.46 15.39
CA ILE B 369 -9.55 -2.17 16.09
C ILE B 369 -10.85 -1.41 15.75
N ILE B 370 -11.35 -1.57 14.52
CA ILE B 370 -12.61 -0.95 14.11
C ILE B 370 -13.82 -1.64 14.76
N ARG B 371 -13.74 -2.96 14.90
CA ARG B 371 -14.75 -3.72 15.63
C ARG B 371 -14.83 -3.31 17.10
N ILE B 372 -13.67 -3.06 17.72
CA ILE B 372 -13.63 -2.53 19.07
C ILE B 372 -14.27 -1.14 19.17
N LEU B 373 -13.90 -0.23 18.26
CA LEU B 373 -14.54 1.10 18.19
C LEU B 373 -16.06 1.02 18.07
N GLU B 374 -16.53 0.04 17.31
CA GLU B 374 -17.96 -0.15 17.10
C GLU B 374 -18.60 -0.60 18.41
N LYS B 375 -17.93 -1.47 19.15
CA LYS B 375 -18.42 -1.91 20.45
C LYS B 375 -18.46 -0.75 21.44
N LEU B 376 -17.41 0.07 21.44
CA LEU B 376 -17.36 1.26 22.28
C LEU B 376 -18.47 2.25 21.92
N ARG B 377 -18.68 2.46 20.63
CA ARG B 377 -19.77 3.33 20.18
C ARG B 377 -21.13 2.80 20.66
N ASP B 378 -21.33 1.49 20.52
CA ASP B 378 -22.59 0.87 20.91
C ASP B 378 -22.88 0.95 22.41
N GLU B 379 -21.85 0.73 23.22
CA GLU B 379 -21.97 0.86 24.68
C GLU B 379 -22.42 2.26 25.08
N HIS B 380 -21.88 3.26 24.40
CA HIS B 380 -22.11 4.64 24.78
C HIS B 380 -23.49 5.07 24.31
N LYS B 381 -23.92 4.52 23.18
CA LYS B 381 -25.26 4.75 22.67
C LYS B 381 -26.29 4.27 23.69
N HIS B 382 -25.94 3.23 24.45
CA HIS B 382 -26.85 2.62 25.40
C HIS B 382 -26.52 3.01 26.84
N GLY B 383 -25.77 4.10 27.00
CA GLY B 383 -25.36 4.58 28.31
C GLY B 383 -24.07 3.96 28.82
N SER B 384 -23.09 4.78 29.16
CA SER B 384 -21.86 4.30 29.77
C SER B 384 -21.10 5.41 30.48
N GLN B 386 -18.62 6.88 29.23
CA GLN B 386 -17.19 6.59 29.13
C GLN B 386 -16.35 7.82 29.45
N LYS B 387 -15.03 7.65 29.29
CA LYS B 387 -14.02 8.71 29.52
C LYS B 387 -13.94 9.65 28.32
N ASP B 388 -13.38 10.84 28.54
CA ASP B 388 -13.34 11.87 27.50
C ASP B 388 -12.37 11.57 26.35
N LYS B 389 -11.20 11.04 26.70
CA LYS B 389 -10.16 10.73 25.74
C LYS B 389 -10.02 9.22 25.61
N LEU B 390 -9.77 8.76 24.39
CA LEU B 390 -9.65 7.34 24.07
C LEU B 390 -8.36 7.08 23.30
N VAL B 391 -7.53 6.17 23.79
CA VAL B 391 -6.31 5.81 23.08
C VAL B 391 -6.47 4.49 22.33
N LEU B 392 -6.10 4.48 21.05
CA LEU B 392 -6.04 3.24 20.26
C LEU B 392 -4.58 2.82 20.12
N ALA B 393 -4.28 1.53 20.25
CA ALA B 393 -2.91 1.02 20.04
C ALA B 393 -2.90 -0.37 19.37
N ALA B 394 -1.91 -0.62 18.51
CA ALA B 394 -1.86 -1.85 17.73
C ALA B 394 -0.47 -2.10 17.20
N PHE B 395 0.08 -3.27 17.50
CA PHE B 395 1.36 -3.68 16.92
C PHE B 395 1.21 -4.22 15.52
N GLY B 396 1.99 -3.69 14.61
CA GLY B 396 2.07 -4.20 13.24
C GLY B 396 3.47 -4.71 12.96
N HIS B 397 3.72 -5.08 11.70
CA HIS B 397 5.04 -5.59 11.31
C HIS B 397 6.06 -4.47 11.31
N GLY B 398 7.30 -4.79 11.66
CA GLY B 398 8.30 -3.75 11.84
C GLY B 398 9.49 -4.15 12.69
N ILE B 399 9.30 -4.30 13.99
CA ILE B 399 8.00 -4.19 14.66
C ILE B 399 7.58 -2.75 14.96
N THR B 400 6.35 -2.41 14.57
CA THR B 400 5.83 -1.05 14.66
C THR B 400 4.63 -0.97 15.59
N LEU B 401 4.58 0.09 16.40
CA LEU B 401 3.39 0.39 17.18
C LEU B 401 2.66 1.59 16.60
N GLU B 402 1.39 1.40 16.24
CA GLU B 402 0.58 2.47 15.74
C GLU B 402 -0.29 2.92 16.90
N THR B 403 -0.39 4.23 17.12
CA THR B 403 -1.29 4.75 18.14
C THR B 403 -2.14 5.88 17.56
N ALA B 404 -3.26 6.17 18.23
CA ALA B 404 -4.10 7.30 17.90
C ALA B 404 -4.72 7.78 19.21
N ILE B 405 -4.99 9.08 19.32
CA ILE B 405 -5.76 9.60 20.46
C ILE B 405 -7.06 10.24 19.94
N LEU B 406 -8.18 9.78 20.47
CA LEU B 406 -9.49 10.22 20.04
C LEU B 406 -10.19 10.94 21.19
N THR B 407 -11.04 11.91 20.90
CA THR B 407 -11.70 12.70 21.96
C THR B 407 -13.21 12.75 21.78
N ARG B 408 -13.96 12.70 22.87
CA ARG B 408 -15.41 12.88 22.79
C ARG B 408 -15.72 14.32 22.40
N PRO B 409 -16.53 14.51 21.35
CA PRO B 409 -16.86 15.86 20.88
C PRO B 409 -17.58 16.72 21.95
#